data_8AM8
#
_entry.id   8AM8
#
_cell.length_a   90.051
_cell.length_b   90.051
_cell.length_c   277.358
_cell.angle_alpha   90.000
_cell.angle_beta   90.000
_cell.angle_gamma   90.000
#
_symmetry.space_group_name_H-M   'P 43 21 2'
#
loop_
_entity.id
_entity.type
_entity.pdbx_description
1 polymer 'Fumarate reductase/succinate dehydrogenase flavoprotein domain protein'
2 non-polymer 'FLAVIN-ADENINE DINUCLEOTIDE'
3 non-polymer GLYCEROL
4 non-polymer DI(HYDROXYETHYL)ETHER
5 non-polymer cyclohex-2-en-1-one
6 non-polymer 'SULFATE ION'
7 water water
#
_entity_poly.entity_id   1
_entity_poly.type   'polypeptide(L)'
_entity_poly.pdbx_seq_one_letter_code
;MGSSHHHHHHSSGLVPRGSHMTTKPNAETVASRRGFLRATTVAAAASSSLGVLTMTDAQAASASFSAEYDIVVVGSGCAG
LTSALFSRWHGNSVVVLEKAAALGGTTFKSAFAYWVPNNVPMRAAGIADPKPDFLKYVARVTRPQFYDPEHPTLGLTQWE
YDMCEAIYDSASPAAELLAQKGALPYRHVPFATDYFSELPEDKAKSGRVLTPKDGSPSMANGGQVAIRTLSTAARRDGIA
FKTGHRVQRVILNSKGEAIGIEALKDDNSVVRIRARKAVIFGSGGFTHDPELRSNFLNVPVYGGCAAFTNEGDLVRITSS
LGVQLRNMNHAWLCPVTFEKAIGRDGSMSGMFSVAGDSMIFVDKRGKRVVNEKLNYNELCQKLFEWDGAKVEYPNLVLIS
IWDQRSQDHSASNDYGSAIVPPGADDRHVIKSDTLDGLSQQISLRLKKYAGQIGHMELSSDFNANLRESILRFNGFASTG
KDEDFHRGERASDVLFNGSTKKEPDQKNPTMWPISSVGPYYAALVGGGTLDTKGGPKTNTHGQILDIHDKPIRGLYGVGN
CVASASSGAYWAGGATLGPMIAFAYRAANAAHGEPKRT
;
_entity_poly.pdbx_strand_id   BBB,AAA
#
loop_
_chem_comp.id
_chem_comp.type
_chem_comp.name
_chem_comp.formula
A2Q non-polymer cyclohex-2-en-1-one 'C6 H8 O'
FAD non-polymer 'FLAVIN-ADENINE DINUCLEOTIDE' 'C27 H33 N9 O15 P2'
GOL non-polymer GLYCEROL 'C3 H8 O3'
PEG non-polymer DI(HYDROXYETHYL)ETHER 'C4 H10 O3'
SO4 non-polymer 'SULFATE ION' 'O4 S -2'
#
# COMPACT_ATOMS: atom_id res chain seq x y z
N SER A 64 32.42 24.72 -7.35
CA SER A 64 32.50 25.48 -6.07
C SER A 64 31.21 26.26 -5.80
N PHE A 65 31.17 26.90 -4.63
CA PHE A 65 29.95 27.28 -3.96
C PHE A 65 29.90 28.80 -3.86
N SER A 66 28.71 29.39 -3.76
CA SER A 66 28.61 30.83 -3.65
C SER A 66 28.39 31.27 -2.20
N ALA A 67 28.12 30.32 -1.30
CA ALA A 67 27.91 30.62 0.11
C ALA A 67 28.26 29.39 0.93
N GLU A 68 28.45 29.58 2.24
CA GLU A 68 28.95 28.53 3.09
C GLU A 68 28.35 28.71 4.47
N TYR A 69 27.88 27.61 5.11
CA TYR A 69 27.35 27.65 6.45
C TYR A 69 27.73 26.34 7.13
N ASP A 70 27.68 26.32 8.46
CA ASP A 70 27.97 25.08 9.18
C ASP A 70 26.86 24.06 8.88
N ILE A 71 25.61 24.51 8.94
CA ILE A 71 24.45 23.63 8.83
C ILE A 71 23.52 24.23 7.79
N VAL A 72 23.17 23.42 6.78
CA VAL A 72 22.18 23.82 5.78
C VAL A 72 20.90 23.02 6.03
N VAL A 73 19.79 23.74 6.21
CA VAL A 73 18.51 23.13 6.50
C VAL A 73 17.60 23.34 5.29
N VAL A 74 16.89 22.28 4.90
CA VAL A 74 16.03 22.32 3.73
C VAL A 74 14.58 22.19 4.19
N GLY A 75 13.82 23.29 4.00
CA GLY A 75 12.41 23.34 4.37
C GLY A 75 12.18 24.20 5.61
N SER A 76 11.02 24.86 5.68
CA SER A 76 10.77 25.82 6.75
C SER A 76 9.47 25.50 7.48
N GLY A 77 9.06 24.23 7.49
CA GLY A 77 7.99 23.83 8.40
C GLY A 77 8.57 23.52 9.77
N CYS A 78 7.84 22.72 10.56
CA CYS A 78 8.30 22.37 11.89
C CYS A 78 9.67 21.68 11.86
N ALA A 79 9.86 20.69 10.99
CA ALA A 79 11.10 19.92 10.99
C ALA A 79 12.30 20.82 10.75
N GLY A 80 12.19 21.70 9.74
CA GLY A 80 13.30 22.56 9.36
C GLY A 80 13.56 23.65 10.40
N LEU A 81 12.49 24.33 10.87
CA LEU A 81 12.69 25.45 11.79
C LEU A 81 13.26 24.95 13.11
N THR A 82 12.74 23.83 13.64
CA THR A 82 13.24 23.36 14.92
C THR A 82 14.68 22.83 14.76
N SER A 83 14.96 22.10 13.68
CA SER A 83 16.31 21.62 13.42
C SER A 83 17.26 22.81 13.35
N ALA A 84 16.84 23.87 12.65
CA ALA A 84 17.67 25.06 12.49
C ALA A 84 17.94 25.71 13.84
N LEU A 85 16.89 25.88 14.65
CA LEU A 85 17.02 26.54 15.94
C LEU A 85 17.96 25.76 16.85
N PHE A 86 17.72 24.43 16.99
CA PHE A 86 18.57 23.63 17.85
C PHE A 86 20.03 23.71 17.39
N SER A 87 20.23 23.75 16.06
CA SER A 87 21.57 23.79 15.49
C SER A 87 22.23 25.12 15.82
N ARG A 88 21.47 26.21 15.66
CA ARG A 88 22.01 27.55 15.87
C ARG A 88 22.38 27.72 17.36
N TRP A 89 21.56 27.16 18.24
CA TRP A 89 21.79 27.35 19.66
C TRP A 89 23.05 26.63 20.13
N HIS A 90 23.54 25.64 19.37
CA HIS A 90 24.81 25.01 19.68
C HIS A 90 25.98 25.86 19.17
N GLY A 91 25.67 26.94 18.45
CA GLY A 91 26.67 27.90 18.03
C GLY A 91 27.06 27.80 16.55
N ASN A 92 26.33 26.99 15.76
CA ASN A 92 26.65 26.85 14.35
C ASN A 92 26.03 28.01 13.55
N SER A 93 26.65 28.35 12.42
CA SER A 93 25.94 29.17 11.45
C SER A 93 24.97 28.27 10.67
N VAL A 94 23.79 28.80 10.34
CA VAL A 94 22.69 28.00 9.82
C VAL A 94 21.96 28.81 8.75
N VAL A 95 21.66 28.18 7.61
CA VAL A 95 20.71 28.73 6.64
C VAL A 95 19.53 27.76 6.50
N VAL A 96 18.34 28.32 6.27
CA VAL A 96 17.13 27.58 5.96
C VAL A 96 16.75 27.92 4.53
N LEU A 97 16.73 26.88 3.65
CA LEU A 97 16.35 27.01 2.26
C LEU A 97 14.90 26.55 2.09
N GLU A 98 14.05 27.45 1.58
CA GLU A 98 12.63 27.17 1.40
C GLU A 98 12.28 27.29 -0.08
N LYS A 99 11.65 26.23 -0.62
CA LYS A 99 11.21 26.15 -2.00
C LYS A 99 10.12 27.17 -2.31
N ALA A 100 9.15 27.35 -1.38
CA ALA A 100 8.01 28.24 -1.62
C ALA A 100 8.42 29.71 -1.44
N ALA A 101 7.49 30.64 -1.72
CA ALA A 101 7.75 32.07 -1.53
C ALA A 101 7.66 32.44 -0.05
N ALA A 102 6.88 31.68 0.74
CA ALA A 102 6.68 31.99 2.15
C ALA A 102 7.09 30.79 3.00
N LEU A 103 7.31 31.03 4.30
CA LEU A 103 7.78 29.99 5.20
C LEU A 103 6.58 29.22 5.74
N GLY A 104 6.82 27.96 6.14
CA GLY A 104 5.88 27.34 7.07
C GLY A 104 5.31 26.01 6.57
N GLY A 105 5.24 25.82 5.25
CA GLY A 105 4.77 24.58 4.63
C GLY A 105 3.42 24.10 5.19
N THR A 106 3.27 22.79 5.38
CA THR A 106 2.04 22.23 5.90
C THR A 106 1.86 22.64 7.36
N THR A 107 2.98 22.77 8.08
CA THR A 107 2.98 23.12 9.49
C THR A 107 2.17 24.39 9.72
N PHE A 108 2.29 25.34 8.78
CA PHE A 108 1.59 26.61 8.88
C PHE A 108 0.09 26.39 8.92
N LYS A 109 -0.40 25.39 8.17
CA LYS A 109 -1.83 25.14 8.05
C LYS A 109 -2.36 24.36 9.24
N SER A 110 -1.49 23.81 10.10
CA SER A 110 -1.92 22.87 11.13
C SER A 110 -2.53 23.58 12.35
N ALA A 111 -3.05 22.78 13.29
CA ALA A 111 -3.49 23.25 14.60
C ALA A 111 -2.32 23.29 15.59
N PHE A 112 -1.19 22.71 15.17
CA PHE A 112 0.00 22.55 15.98
C PHE A 112 -0.32 21.94 17.33
N ALA A 113 -1.19 20.92 17.34
CA ALA A 113 -1.18 20.01 18.48
C ALA A 113 0.13 19.22 18.41
N TYR A 114 0.81 19.08 19.55
CA TYR A 114 1.99 18.21 19.54
C TYR A 114 1.99 17.30 20.76
N TRP A 115 2.19 16.01 20.49
CA TRP A 115 2.02 14.96 21.46
C TRP A 115 3.39 14.62 22.07
N VAL A 116 3.53 14.96 23.36
CA VAL A 116 4.80 14.97 24.07
C VAL A 116 4.67 14.07 25.28
N PRO A 117 5.17 12.82 25.20
CA PRO A 117 5.05 11.87 26.30
C PRO A 117 5.79 12.41 27.54
N ASN A 118 5.28 12.12 28.73
CA ASN A 118 5.96 12.48 29.96
C ASN A 118 6.30 13.98 30.01
N ASN A 119 5.37 14.84 29.58
CA ASN A 119 5.66 16.27 29.53
C ASN A 119 5.57 16.87 30.94
N VAL A 120 6.08 18.10 31.07
CA VAL A 120 6.21 18.74 32.37
C VAL A 120 4.81 19.03 32.93
N PRO A 121 3.82 19.55 32.17
CA PRO A 121 2.45 19.68 32.69
C PRO A 121 1.87 18.40 33.31
N MET A 122 2.09 17.25 32.65
CA MET A 122 1.62 15.97 33.19
C MET A 122 2.31 15.65 34.52
N ARG A 123 3.64 15.80 34.54
CA ARG A 123 4.40 15.50 35.75
C ARG A 123 3.98 16.44 36.87
N ALA A 124 3.73 17.72 36.53
CA ALA A 124 3.30 18.69 37.52
C ALA A 124 1.95 18.30 38.12
N ALA A 125 1.11 17.59 37.34
CA ALA A 125 -0.18 17.18 37.88
C ALA A 125 -0.08 15.85 38.65
N GLY A 126 1.15 15.34 38.80
CA GLY A 126 1.40 14.04 39.44
C GLY A 126 0.99 12.87 38.55
N ILE A 127 0.98 13.06 37.22
CA ILE A 127 0.58 11.99 36.31
C ILE A 127 1.87 11.35 35.78
N ALA A 128 2.09 10.07 36.11
CA ALA A 128 3.20 9.29 35.56
C ALA A 128 2.89 8.96 34.09
N ASP A 129 3.93 8.84 33.29
CA ASP A 129 3.80 8.28 31.96
C ASP A 129 4.84 7.18 31.88
N PRO A 130 4.58 6.00 32.49
CA PRO A 130 5.61 4.97 32.64
C PRO A 130 6.09 4.54 31.25
N LYS A 131 7.41 4.53 31.08
CA LYS A 131 8.01 4.29 29.77
C LYS A 131 7.60 2.93 29.19
N PRO A 132 7.65 1.79 29.93
CA PRO A 132 7.24 0.50 29.39
C PRO A 132 5.81 0.51 28.84
N ASP A 133 4.90 1.28 29.45
CA ASP A 133 3.51 1.32 29.03
C ASP A 133 3.31 2.27 27.84
N PHE A 134 4.12 3.32 27.78
CA PHE A 134 4.11 4.17 26.60
C PHE A 134 4.46 3.30 25.39
N LEU A 135 5.50 2.48 25.54
CA LEU A 135 5.93 1.65 24.42
C LEU A 135 4.86 0.60 24.09
N LYS A 136 4.15 0.06 25.08
CA LYS A 136 3.11 -0.91 24.81
C LYS A 136 1.95 -0.26 24.06
N TYR A 137 1.59 0.96 24.39
CA TYR A 137 0.50 1.65 23.69
C TYR A 137 0.88 1.82 22.22
N VAL A 138 2.07 2.39 21.95
CA VAL A 138 2.41 2.66 20.56
C VAL A 138 2.66 1.34 19.81
N ALA A 139 3.16 0.31 20.51
CA ALA A 139 3.40 -0.95 19.83
C ALA A 139 2.05 -1.61 19.45
N ARG A 140 1.10 -1.64 20.38
CA ARG A 140 -0.22 -2.22 20.17
C ARG A 140 -0.95 -1.53 19.01
N VAL A 141 -0.78 -0.22 18.87
CA VAL A 141 -1.49 0.52 17.83
C VAL A 141 -0.76 0.41 16.48
N THR A 142 0.58 0.38 16.51
CA THR A 142 1.38 0.48 15.30
C THR A 142 1.48 -0.87 14.58
N ARG A 143 1.70 -1.95 15.34
CA ARG A 143 1.89 -3.28 14.75
CA ARG A 143 1.89 -3.28 14.75
C ARG A 143 0.91 -4.26 15.39
N PRO A 144 -0.42 -4.06 15.23
CA PRO A 144 -1.41 -4.88 15.93
C PRO A 144 -1.22 -6.39 15.81
N GLN A 145 -0.83 -6.87 14.62
CA GLN A 145 -0.77 -8.31 14.40
C GLN A 145 0.33 -8.92 15.27
N PHE A 146 1.37 -8.13 15.55
CA PHE A 146 2.61 -8.68 16.10
C PHE A 146 2.82 -8.23 17.54
N TYR A 147 1.95 -7.33 18.02
CA TYR A 147 2.10 -6.79 19.36
C TYR A 147 2.06 -7.94 20.35
N ASP A 148 3.04 -7.95 21.26
CA ASP A 148 3.08 -8.99 22.27
C ASP A 148 3.84 -8.47 23.48
N PRO A 149 3.18 -8.32 24.65
CA PRO A 149 3.82 -7.72 25.82
C PRO A 149 4.98 -8.58 26.36
N GLU A 150 5.06 -9.84 25.93
CA GLU A 150 6.08 -10.75 26.43
C GLU A 150 7.27 -10.80 25.49
N HIS A 151 7.16 -10.17 24.32
CA HIS A 151 8.24 -10.14 23.34
C HIS A 151 9.28 -9.08 23.76
N PRO A 152 10.60 -9.34 23.59
CA PRO A 152 11.65 -8.38 24.00
C PRO A 152 11.51 -6.96 23.47
N THR A 153 10.99 -6.80 22.25
CA THR A 153 10.72 -5.47 21.72
C THR A 153 9.23 -5.27 21.45
N LEU A 154 8.39 -5.99 22.21
CA LEU A 154 6.93 -5.84 22.17
C LEU A 154 6.34 -6.26 20.83
N GLY A 155 7.15 -6.95 20.02
CA GLY A 155 6.72 -7.39 18.71
C GLY A 155 7.15 -6.41 17.62
N LEU A 156 7.74 -5.29 18.01
CA LEU A 156 8.25 -4.34 17.02
C LEU A 156 9.60 -4.84 16.50
N THR A 157 10.06 -4.32 15.35
CA THR A 157 11.45 -4.52 14.98
C THR A 157 12.33 -3.70 15.93
N GLN A 158 13.63 -3.99 15.97
CA GLN A 158 14.54 -3.25 16.82
C GLN A 158 14.49 -1.76 16.44
N TRP A 159 14.44 -1.46 15.14
CA TRP A 159 14.44 -0.09 14.69
C TRP A 159 13.18 0.64 15.16
N GLU A 160 12.00 0.02 14.98
CA GLU A 160 10.76 0.68 15.39
C GLU A 160 10.78 0.94 16.90
N TYR A 161 11.26 -0.05 17.66
CA TYR A 161 11.34 0.03 19.10
C TYR A 161 12.24 1.19 19.52
N ASP A 162 13.42 1.27 18.90
CA ASP A 162 14.41 2.30 19.24
C ASP A 162 13.86 3.67 18.88
N MET A 163 13.19 3.78 17.72
CA MET A 163 12.61 5.06 17.32
C MET A 163 11.53 5.49 18.32
N CYS A 164 10.66 4.55 18.75
CA CYS A 164 9.60 4.94 19.67
C CYS A 164 10.20 5.34 21.02
N GLU A 165 11.27 4.63 21.42
CA GLU A 165 11.98 4.97 22.64
C GLU A 165 12.59 6.38 22.55
N ALA A 166 13.15 6.72 21.40
CA ALA A 166 13.77 8.03 21.19
C ALA A 166 12.72 9.14 21.35
N ILE A 167 11.48 8.89 20.88
CA ILE A 167 10.40 9.86 21.00
C ILE A 167 10.14 10.10 22.47
N TYR A 168 10.04 9.03 23.25
CA TYR A 168 9.74 9.18 24.66
C TYR A 168 10.90 9.91 25.35
N ASP A 169 12.14 9.53 25.02
CA ASP A 169 13.30 10.08 25.71
C ASP A 169 13.47 11.56 25.39
N SER A 170 13.14 12.00 24.17
CA SER A 170 13.63 13.29 23.68
C SER A 170 12.52 14.33 23.45
N ALA A 171 11.25 13.91 23.40
CA ALA A 171 10.23 14.88 23.04
C ALA A 171 10.12 15.99 24.10
N SER A 172 10.06 15.61 25.38
CA SER A 172 9.84 16.62 26.43
C SER A 172 11.04 17.57 26.51
N PRO A 173 12.29 17.09 26.56
CA PRO A 173 13.44 18.00 26.58
C PRO A 173 13.45 18.94 25.37
N ALA A 174 13.04 18.44 24.20
CA ALA A 174 12.98 19.28 23.00
C ALA A 174 11.94 20.37 23.18
N ALA A 175 10.75 19.98 23.66
CA ALA A 175 9.67 20.93 23.84
C ALA A 175 10.08 22.01 24.86
N GLU A 176 10.72 21.58 25.96
CA GLU A 176 11.12 22.47 27.05
C GLU A 176 12.13 23.50 26.54
N LEU A 177 13.13 23.06 25.77
CA LEU A 177 14.16 23.97 25.28
C LEU A 177 13.58 25.01 24.31
N LEU A 178 12.69 24.57 23.41
CA LEU A 178 12.06 25.49 22.47
C LEU A 178 11.24 26.53 23.21
N ALA A 179 10.55 26.10 24.28
CA ALA A 179 9.76 27.02 25.10
C ALA A 179 10.68 27.96 25.88
N GLN A 180 11.71 27.41 26.54
CA GLN A 180 12.60 28.21 27.35
C GLN A 180 13.19 29.35 26.51
N LYS A 181 13.51 29.08 25.25
CA LYS A 181 14.15 30.05 24.35
C LYS A 181 13.15 31.00 23.71
N GLY A 182 11.86 30.84 24.04
CA GLY A 182 10.81 31.66 23.48
C GLY A 182 10.46 31.31 22.04
N ALA A 183 10.99 30.21 21.50
CA ALA A 183 10.75 29.84 20.11
C ALA A 183 9.37 29.16 19.97
N LEU A 184 8.99 28.36 20.98
CA LEU A 184 7.71 27.67 20.94
C LEU A 184 7.10 27.63 22.35
N PRO A 185 6.65 28.78 22.90
CA PRO A 185 5.92 28.76 24.16
C PRO A 185 4.63 27.95 23.95
N TYR A 186 4.22 27.19 24.98
CA TYR A 186 3.08 26.29 24.84
C TYR A 186 2.09 26.46 25.98
N ARG A 187 0.88 25.94 25.81
CA ARG A 187 0.02 25.64 26.95
C ARG A 187 -0.39 24.17 26.86
N HIS A 188 -0.88 23.65 27.99
CA HIS A 188 -1.27 22.26 28.06
C HIS A 188 -2.66 22.08 27.43
N VAL A 189 -2.94 20.93 26.84
CA VAL A 189 -4.30 20.58 26.44
C VAL A 189 -4.73 19.36 27.24
N PRO A 190 -5.06 19.53 28.54
CA PRO A 190 -5.19 18.38 29.43
C PRO A 190 -6.28 17.38 29.03
N PHE A 191 -7.32 17.84 28.35
CA PHE A 191 -8.48 16.98 28.13
C PHE A 191 -8.41 16.30 26.77
N ALA A 192 -7.37 16.53 25.97
CA ALA A 192 -7.31 15.83 24.68
C ALA A 192 -6.90 14.37 24.94
N THR A 193 -7.82 13.42 24.73
CA THR A 193 -7.49 12.02 24.96
C THR A 193 -6.86 11.40 23.72
N ASP A 194 -5.98 10.42 23.95
CA ASP A 194 -5.33 9.68 22.88
C ASP A 194 -6.41 9.04 22.02
N TYR A 195 -6.09 8.79 20.74
CA TYR A 195 -7.13 8.38 19.81
C TYR A 195 -7.61 6.96 20.12
N PHE A 196 -6.76 6.14 20.77
CA PHE A 196 -7.17 4.81 21.20
C PHE A 196 -7.04 4.66 22.71
N SER A 197 -7.47 5.68 23.45
CA SER A 197 -7.27 5.77 24.90
C SER A 197 -7.97 4.61 25.60
N GLU A 198 -9.00 4.01 24.95
CA GLU A 198 -9.77 2.94 25.58
CA GLU A 198 -9.77 2.94 25.58
C GLU A 198 -8.93 1.67 25.70
N LEU A 199 -7.84 1.57 24.91
CA LEU A 199 -7.01 0.38 25.01
C LEU A 199 -6.40 0.29 26.41
N PRO A 200 -6.42 -0.92 27.02
CA PRO A 200 -5.82 -1.11 28.35
C PRO A 200 -4.33 -0.80 28.38
N GLU A 201 -3.65 -0.85 27.23
CA GLU A 201 -2.21 -0.56 27.15
C GLU A 201 -1.91 0.91 27.44
N ASP A 202 -2.88 1.80 27.23
CA ASP A 202 -2.64 3.22 27.41
C ASP A 202 -2.75 3.55 28.90
N LYS A 203 -1.61 3.91 29.51
CA LYS A 203 -1.62 4.20 30.94
C LYS A 203 -1.59 5.70 31.19
N ALA A 204 -1.56 6.52 30.12
CA ALA A 204 -1.66 7.97 30.27
C ALA A 204 -2.58 8.50 29.19
N LYS A 205 -3.86 8.22 29.39
CA LYS A 205 -4.88 8.33 28.36
C LYS A 205 -5.11 9.77 27.91
N SER A 206 -4.87 10.74 28.81
CA SER A 206 -4.92 12.15 28.43
C SER A 206 -3.72 12.87 29.05
N GLY A 207 -3.41 14.06 28.56
CA GLY A 207 -2.33 14.83 29.14
C GLY A 207 -1.12 15.04 28.23
N ARG A 208 -0.95 14.24 27.17
CA ARG A 208 0.29 14.27 26.41
C ARG A 208 0.35 15.44 25.45
N VAL A 209 -0.79 16.09 25.19
CA VAL A 209 -0.86 17.09 24.12
C VAL A 209 -0.52 18.50 24.64
N LEU A 210 0.35 19.18 23.88
CA LEU A 210 0.68 20.59 24.03
C LEU A 210 0.24 21.34 22.77
N THR A 211 0.12 22.66 22.88
CA THR A 211 -0.28 23.50 21.76
C THR A 211 0.35 24.88 21.98
N PRO A 212 0.56 25.71 20.91
CA PRO A 212 1.14 27.04 21.09
C PRO A 212 0.36 27.86 22.11
N LYS A 213 1.11 28.57 22.96
CA LYS A 213 0.53 29.28 24.08
C LYS A 213 -0.54 30.27 23.59
N ASP A 214 -0.23 31.00 22.52
CA ASP A 214 -1.11 32.06 22.04
C ASP A 214 -2.06 31.58 20.95
N GLY A 215 -2.23 30.26 20.78
CA GLY A 215 -3.23 29.76 19.85
C GLY A 215 -4.64 30.19 20.25
N SER A 216 -5.53 30.35 19.27
CA SER A 216 -6.93 30.69 19.54
C SER A 216 -7.56 29.58 20.39
N PRO A 217 -8.71 29.83 21.05
CA PRO A 217 -9.41 28.80 21.81
C PRO A 217 -9.72 27.52 21.02
N SER A 218 -10.11 27.65 19.74
CA SER A 218 -10.34 26.47 18.90
C SER A 218 -9.01 25.76 18.56
N MET A 219 -7.88 26.50 18.65
CA MET A 219 -6.54 26.03 18.33
C MET A 219 -6.31 25.92 16.82
N ALA A 220 -7.29 26.37 16.02
CA ALA A 220 -7.25 26.15 14.57
C ALA A 220 -6.08 26.88 13.92
N ASN A 221 -5.64 27.99 14.54
CA ASN A 221 -4.55 28.78 14.00
C ASN A 221 -3.22 28.44 14.67
N GLY A 222 -3.17 27.37 15.47
CA GLY A 222 -1.95 26.97 16.17
C GLY A 222 -0.72 26.94 15.24
N GLY A 223 -0.88 26.43 14.01
CA GLY A 223 0.25 26.31 13.11
C GLY A 223 0.81 27.68 12.71
N GLN A 224 -0.08 28.65 12.51
CA GLN A 224 0.34 30.01 12.16
C GLN A 224 1.07 30.64 13.34
N VAL A 225 0.57 30.41 14.56
CA VAL A 225 1.20 30.95 15.76
C VAL A 225 2.60 30.34 15.91
N ALA A 226 2.70 29.02 15.72
CA ALA A 226 3.95 28.31 15.90
C ALA A 226 4.97 28.78 14.86
N ILE A 227 4.57 28.93 13.59
CA ILE A 227 5.51 29.38 12.57
C ILE A 227 5.99 30.80 12.89
N ARG A 228 5.08 31.64 13.41
CA ARG A 228 5.47 32.98 13.83
C ARG A 228 6.50 32.91 14.96
N THR A 229 6.19 32.21 16.06
CA THR A 229 7.12 32.24 17.19
C THR A 229 8.44 31.55 16.82
N LEU A 230 8.38 30.46 16.04
CA LEU A 230 9.60 29.74 15.66
C LEU A 230 10.45 30.61 14.75
N SER A 231 9.83 31.20 13.72
CA SER A 231 10.62 31.97 12.76
C SER A 231 11.11 33.29 13.35
N THR A 232 10.35 33.88 14.27
CA THR A 232 10.78 35.10 14.95
C THR A 232 12.03 34.82 15.78
N ALA A 233 12.03 33.71 16.52
CA ALA A 233 13.20 33.34 17.30
C ALA A 233 14.38 33.07 16.36
N ALA A 234 14.10 32.43 15.21
CA ALA A 234 15.17 32.09 14.28
C ALA A 234 15.87 33.37 13.79
N ARG A 235 15.06 34.38 13.44
N ARG A 235 15.05 34.39 13.43
CA ARG A 235 15.60 35.65 12.95
CA ARG A 235 15.54 35.69 12.97
C ARG A 235 16.37 36.36 14.07
C ARG A 235 16.36 36.34 14.07
N ARG A 236 15.76 36.40 15.27
CA ARG A 236 16.37 37.00 16.44
C ARG A 236 17.75 36.38 16.67
N ASP A 237 17.91 35.08 16.40
CA ASP A 237 19.12 34.37 16.77
C ASP A 237 20.09 34.24 15.60
N GLY A 238 19.80 34.92 14.49
CA GLY A 238 20.74 35.05 13.38
C GLY A 238 20.74 33.86 12.40
N ILE A 239 19.63 33.11 12.30
CA ILE A 239 19.52 32.09 11.26
C ILE A 239 19.17 32.79 9.95
N ALA A 240 19.85 32.43 8.86
CA ALA A 240 19.58 33.02 7.55
C ALA A 240 18.46 32.26 6.84
N PHE A 241 17.64 32.99 6.06
CA PHE A 241 16.55 32.40 5.31
C PHE A 241 16.68 32.77 3.83
N LYS A 242 16.49 31.78 2.96
CA LYS A 242 16.37 32.00 1.51
C LYS A 242 15.10 31.30 1.02
N THR A 243 14.13 32.09 0.55
CA THR A 243 12.94 31.56 -0.11
C THR A 243 13.18 31.44 -1.61
N GLY A 244 12.27 30.73 -2.30
CA GLY A 244 12.37 30.47 -3.74
C GLY A 244 13.65 29.72 -4.10
N HIS A 245 14.10 28.86 -3.16
CA HIS A 245 15.29 28.04 -3.33
C HIS A 245 14.85 26.58 -3.28
N ARG A 246 14.75 25.96 -4.47
CA ARG A 246 14.29 24.58 -4.52
C ARG A 246 15.52 23.65 -4.53
N VAL A 247 15.82 23.04 -3.38
CA VAL A 247 16.97 22.16 -3.35
C VAL A 247 16.70 21.01 -4.30
N GLN A 248 17.71 20.65 -5.11
CA GLN A 248 17.53 19.61 -6.11
C GLN A 248 18.73 18.65 -6.17
N ARG A 249 19.76 18.86 -5.34
CA ARG A 249 20.90 17.97 -5.38
C ARG A 249 21.67 18.07 -4.06
N VAL A 250 22.22 16.94 -3.61
CA VAL A 250 23.17 16.92 -2.50
C VAL A 250 24.55 16.76 -3.12
N ILE A 251 25.49 17.65 -2.75
CA ILE A 251 26.83 17.57 -3.30
C ILE A 251 27.68 16.72 -2.36
N LEU A 252 28.44 15.76 -2.92
CA LEU A 252 29.31 14.88 -2.16
C LEU A 252 30.77 15.26 -2.40
N ASN A 253 31.63 14.98 -1.40
CA ASN A 253 33.07 15.03 -1.64
C ASN A 253 33.50 13.67 -2.20
N SER A 254 34.82 13.48 -2.37
CA SER A 254 35.35 12.26 -2.96
C SER A 254 35.21 11.10 -1.98
N LYS A 255 34.96 11.38 -0.69
CA LYS A 255 34.79 10.32 0.28
C LYS A 255 33.30 9.96 0.42
N GLY A 256 32.45 10.56 -0.41
CA GLY A 256 31.02 10.27 -0.42
C GLY A 256 30.26 10.91 0.75
N GLU A 257 30.81 12.00 1.31
CA GLU A 257 30.17 12.71 2.41
C GLU A 257 29.41 13.90 1.84
N ALA A 258 28.27 14.25 2.47
CA ALA A 258 27.49 15.39 2.02
C ALA A 258 28.21 16.68 2.41
N ILE A 259 28.47 17.56 1.44
CA ILE A 259 29.23 18.78 1.71
C ILE A 259 28.43 20.00 1.28
N GLY A 260 27.22 19.80 0.75
CA GLY A 260 26.38 20.94 0.42
C GLY A 260 25.22 20.57 -0.51
N ILE A 261 24.56 21.58 -1.08
CA ILE A 261 23.39 21.39 -1.92
C ILE A 261 23.53 22.25 -3.17
N GLU A 262 22.70 21.91 -4.17
CA GLU A 262 22.39 22.80 -5.27
C GLU A 262 20.89 23.08 -5.20
N ALA A 263 20.52 24.35 -5.39
CA ALA A 263 19.13 24.78 -5.39
C ALA A 263 18.82 25.54 -6.66
N LEU A 264 17.61 25.30 -7.18
CA LEU A 264 17.06 26.01 -8.33
C LEU A 264 16.32 27.24 -7.81
N LYS A 265 16.70 28.40 -8.36
CA LYS A 265 16.11 29.69 -8.02
C LYS A 265 14.98 30.01 -8.99
N ASP A 266 14.25 31.09 -8.68
CA ASP A 266 13.03 31.42 -9.42
C ASP A 266 13.34 31.67 -10.90
N ASP A 267 14.46 32.36 -11.16
CA ASP A 267 14.87 32.73 -12.51
C ASP A 267 15.54 31.56 -13.23
N ASN A 268 15.55 30.38 -12.60
CA ASN A 268 16.06 29.15 -13.21
C ASN A 268 17.58 29.04 -13.15
N SER A 269 18.26 29.99 -12.49
CA SER A 269 19.66 29.78 -12.17
C SER A 269 19.76 28.78 -11.01
N VAL A 270 20.91 28.11 -10.91
CA VAL A 270 21.21 27.26 -9.78
C VAL A 270 22.25 27.93 -8.89
N VAL A 271 22.15 27.72 -7.57
CA VAL A 271 23.21 28.11 -6.63
C VAL A 271 23.69 26.86 -5.89
N ARG A 272 24.98 26.83 -5.60
CA ARG A 272 25.55 25.80 -4.74
C ARG A 272 25.94 26.42 -3.40
N ILE A 273 25.51 25.76 -2.32
CA ILE A 273 25.72 26.24 -0.96
C ILE A 273 26.40 25.12 -0.17
N ARG A 274 27.55 25.47 0.42
CA ARG A 274 28.36 24.50 1.15
C ARG A 274 27.82 24.36 2.57
N ALA A 275 27.83 23.13 3.08
CA ALA A 275 27.56 22.85 4.48
C ALA A 275 28.83 22.27 5.07
N ARG A 276 29.41 22.94 6.08
CA ARG A 276 30.63 22.46 6.68
C ARG A 276 30.37 21.19 7.48
N LYS A 277 29.20 21.09 8.13
CA LYS A 277 28.98 19.99 9.07
C LYS A 277 27.83 19.06 8.64
N ALA A 278 26.73 19.64 8.15
CA ALA A 278 25.53 18.84 7.90
C ALA A 278 24.54 19.56 6.99
N VAL A 279 23.88 18.73 6.17
CA VAL A 279 22.66 19.09 5.47
C VAL A 279 21.51 18.35 6.14
N ILE A 280 20.55 19.11 6.67
CA ILE A 280 19.39 18.50 7.33
C ILE A 280 18.16 18.77 6.47
N PHE A 281 17.56 17.69 5.93
CA PHE A 281 16.29 17.82 5.21
C PHE A 281 15.10 17.84 6.16
N GLY A 282 14.24 18.84 5.96
CA GLY A 282 12.92 18.92 6.56
C GLY A 282 11.89 19.29 5.50
N SER A 283 11.92 18.55 4.39
CA SER A 283 11.31 19.02 3.15
C SER A 283 9.89 18.47 2.97
N GLY A 284 9.32 17.82 4.00
CA GLY A 284 7.94 17.35 3.95
C GLY A 284 7.76 16.13 3.03
N GLY A 285 6.50 15.79 2.71
CA GLY A 285 6.17 14.54 2.03
C GLY A 285 5.98 14.67 0.51
N PHE A 286 5.24 13.71 -0.07
CA PHE A 286 5.13 13.66 -1.52
C PHE A 286 3.67 13.62 -1.96
N THR A 287 2.75 14.10 -1.09
CA THR A 287 1.33 14.08 -1.42
C THR A 287 1.11 14.68 -2.80
N HIS A 288 1.87 15.74 -3.15
CA HIS A 288 1.53 16.51 -4.34
C HIS A 288 2.42 16.15 -5.54
N ASP A 289 3.10 15.02 -5.49
CA ASP A 289 3.54 14.37 -6.71
C ASP A 289 2.61 13.19 -7.00
N PRO A 290 1.65 13.33 -7.96
CA PRO A 290 0.63 12.31 -8.17
C PRO A 290 1.22 10.97 -8.57
N GLU A 291 2.33 10.99 -9.33
CA GLU A 291 3.00 9.76 -9.71
C GLU A 291 3.52 9.00 -8.47
N LEU A 292 4.27 9.70 -7.60
CA LEU A 292 4.84 9.08 -6.41
C LEU A 292 3.71 8.62 -5.50
N ARG A 293 2.75 9.52 -5.26
CA ARG A 293 1.63 9.21 -4.39
C ARG A 293 0.92 7.92 -4.83
N SER A 294 0.64 7.85 -6.14
CA SER A 294 -0.14 6.76 -6.69
C SER A 294 0.65 5.44 -6.65
N ASN A 295 1.97 5.53 -6.81
CA ASN A 295 2.79 4.33 -6.95
C ASN A 295 3.26 3.77 -5.60
N PHE A 296 3.19 4.57 -4.53
CA PHE A 296 3.71 4.10 -3.26
C PHE A 296 2.61 3.84 -2.21
N LEU A 297 1.58 4.70 -2.13
CA LEU A 297 0.67 4.64 -0.98
C LEU A 297 -0.22 3.40 -1.03
N ASN A 298 -0.65 2.92 0.15
CA ASN A 298 -1.47 1.72 0.23
C ASN A 298 -2.92 1.98 -0.22
N VAL A 299 -3.32 3.25 -0.40
CA VAL A 299 -4.66 3.61 -0.86
C VAL A 299 -4.55 4.67 -1.96
N PRO A 300 -5.45 4.67 -2.97
CA PRO A 300 -5.37 5.64 -4.08
C PRO A 300 -6.02 6.99 -3.74
N VAL A 301 -5.39 7.75 -2.84
CA VAL A 301 -5.91 9.02 -2.36
C VAL A 301 -5.90 10.06 -3.48
N TYR A 302 -6.79 11.06 -3.33
CA TYR A 302 -7.00 12.09 -4.33
C TYR A 302 -6.16 13.34 -4.09
N GLY A 303 -5.41 13.37 -2.99
CA GLY A 303 -4.62 14.55 -2.65
C GLY A 303 -4.54 14.68 -1.13
N GLY A 304 -4.46 15.91 -0.63
CA GLY A 304 -4.35 16.07 0.81
C GLY A 304 -4.05 17.52 1.15
N CYS A 305 -4.01 17.84 2.45
CA CYS A 305 -3.90 19.22 2.91
C CYS A 305 -2.45 19.68 3.00
N ALA A 306 -1.50 18.77 2.69
CA ALA A 306 -0.09 19.10 2.56
C ALA A 306 0.09 20.32 1.65
N ALA A 307 1.11 21.14 1.93
CA ALA A 307 1.50 22.24 1.06
C ALA A 307 1.78 21.72 -0.34
N PHE A 308 1.40 22.49 -1.35
CA PHE A 308 1.50 22.03 -2.73
C PHE A 308 2.94 21.89 -3.18
N THR A 309 3.88 22.49 -2.45
CA THR A 309 5.29 22.37 -2.81
C THR A 309 5.90 21.07 -2.27
N ASN A 310 5.09 20.24 -1.59
CA ASN A 310 5.56 18.96 -1.08
C ASN A 310 5.36 17.91 -2.17
N GLU A 311 6.40 17.72 -3.00
CA GLU A 311 6.33 16.90 -4.20
C GLU A 311 7.37 15.77 -4.15
N GLY A 312 7.92 15.50 -2.96
CA GLY A 312 8.82 14.36 -2.81
C GLY A 312 10.20 14.59 -3.44
N ASP A 313 10.67 15.83 -3.47
CA ASP A 313 12.00 16.12 -4.03
C ASP A 313 13.09 15.26 -3.38
N LEU A 314 12.97 14.95 -2.08
CA LEU A 314 14.04 14.22 -1.40
C LEU A 314 14.17 12.81 -2.00
N VAL A 315 13.05 12.26 -2.49
CA VAL A 315 13.04 10.94 -3.07
C VAL A 315 13.94 10.93 -4.33
N ARG A 316 13.81 11.98 -5.16
CA ARG A 316 14.67 12.13 -6.33
C ARG A 316 16.11 12.45 -5.91
N ILE A 317 16.26 13.35 -4.92
CA ILE A 317 17.57 13.77 -4.47
C ILE A 317 18.37 12.54 -4.02
N THR A 318 17.72 11.56 -3.37
CA THR A 318 18.47 10.46 -2.79
C THR A 318 18.51 9.23 -3.71
N SER A 319 17.98 9.36 -4.93
CA SER A 319 17.78 8.18 -5.77
C SER A 319 19.10 7.57 -6.24
N SER A 320 20.18 8.38 -6.23
CA SER A 320 21.46 7.78 -6.57
C SER A 320 22.36 7.65 -5.36
N LEU A 321 21.83 7.84 -4.13
CA LEU A 321 22.70 7.90 -2.96
C LEU A 321 22.74 6.59 -2.19
N GLY A 322 21.92 5.60 -2.61
CA GLY A 322 21.93 4.32 -1.94
C GLY A 322 21.19 4.36 -0.60
N VAL A 323 20.01 4.98 -0.53
CA VAL A 323 19.25 5.02 0.71
C VAL A 323 18.27 3.86 0.78
N GLN A 324 17.60 3.70 1.93
CA GLN A 324 16.54 2.71 2.12
C GLN A 324 15.22 3.45 2.23
N LEU A 325 14.37 3.39 1.20
CA LEU A 325 13.09 4.06 1.31
C LEU A 325 12.20 3.17 2.19
N ARG A 326 11.66 3.75 3.27
CA ARG A 326 10.91 2.96 4.25
C ARG A 326 9.59 3.67 4.54
N ASN A 327 8.59 2.86 4.95
CA ASN A 327 7.24 3.30 5.23
C ASN A 327 6.62 4.07 4.06
N MET A 328 7.11 3.79 2.83
CA MET A 328 6.61 4.45 1.63
C MET A 328 5.12 4.13 1.36
N ASN A 329 4.63 3.03 1.92
CA ASN A 329 3.26 2.60 1.69
C ASN A 329 2.27 3.35 2.58
N HIS A 330 2.74 4.23 3.50
CA HIS A 330 1.80 4.87 4.42
C HIS A 330 1.83 6.40 4.36
N ALA A 331 0.63 6.97 4.56
CA ALA A 331 0.44 8.39 4.76
C ALA A 331 -0.33 8.60 6.05
N TRP A 332 -0.26 9.83 6.58
CA TRP A 332 -1.26 10.27 7.55
C TRP A 332 -2.55 10.49 6.76
N LEU A 333 -3.61 9.71 7.05
CA LEU A 333 -4.79 9.72 6.21
C LEU A 333 -5.90 10.58 6.83
N CYS A 334 -6.78 11.12 5.97
CA CYS A 334 -7.99 11.76 6.43
C CYS A 334 -8.98 11.85 5.27
N PRO A 335 -10.29 11.81 5.55
CA PRO A 335 -11.28 12.15 4.52
C PRO A 335 -11.01 13.61 4.16
N VAL A 336 -11.48 13.99 2.96
CA VAL A 336 -11.38 15.36 2.48
C VAL A 336 -12.68 15.73 1.78
N THR A 337 -12.98 17.05 1.74
CA THR A 337 -14.03 17.56 0.88
C THR A 337 -13.57 17.33 -0.56
N PHE A 338 -14.23 16.38 -1.23
CA PHE A 338 -13.71 15.80 -2.46
C PHE A 338 -13.45 16.89 -3.51
N GLU A 339 -14.41 17.81 -3.65
CA GLU A 339 -14.29 18.82 -4.70
C GLU A 339 -13.12 19.78 -4.46
N LYS A 340 -12.76 19.99 -3.19
CA LYS A 340 -11.61 20.82 -2.86
C LYS A 340 -10.31 20.09 -3.17
N ALA A 341 -10.29 18.75 -3.06
CA ALA A 341 -9.06 18.06 -3.40
C ALA A 341 -8.85 18.06 -4.92
N ILE A 342 -9.92 17.77 -5.68
CA ILE A 342 -9.82 17.71 -7.13
C ILE A 342 -9.45 19.11 -7.64
N GLY A 343 -10.06 20.14 -7.02
CA GLY A 343 -9.89 21.50 -7.48
C GLY A 343 -8.66 22.19 -6.89
N ARG A 344 -7.84 21.46 -6.13
CA ARG A 344 -6.57 21.99 -5.62
C ARG A 344 -6.76 23.29 -4.84
N ASP A 345 -7.66 23.26 -3.86
CA ASP A 345 -7.85 24.38 -2.96
C ASP A 345 -6.73 24.37 -1.91
N GLY A 346 -5.84 25.37 -1.96
CA GLY A 346 -4.65 25.39 -1.12
C GLY A 346 -4.97 25.64 0.36
N SER A 347 -6.16 26.19 0.61
CA SER A 347 -6.55 26.49 1.98
C SER A 347 -7.24 25.28 2.62
N MET A 348 -7.43 24.18 1.86
CA MET A 348 -8.19 23.03 2.31
C MET A 348 -7.53 22.41 3.54
N SER A 349 -8.36 21.99 4.49
CA SER A 349 -7.92 21.13 5.57
C SER A 349 -8.46 19.71 5.38
N GLY A 350 -7.73 18.71 5.89
CA GLY A 350 -8.29 17.39 6.04
C GLY A 350 -9.54 17.47 6.91
N MET A 351 -10.49 16.53 6.71
CA MET A 351 -11.74 16.55 7.44
C MET A 351 -11.55 15.83 8.78
N PHE A 352 -10.92 16.52 9.73
CA PHE A 352 -10.63 15.93 11.04
C PHE A 352 -11.90 15.90 11.88
N SER A 353 -12.73 16.94 11.71
CA SER A 353 -14.03 16.97 12.36
C SER A 353 -15.08 16.91 11.27
N VAL A 354 -15.84 15.82 11.26
CA VAL A 354 -16.97 15.67 10.35
C VAL A 354 -18.15 16.37 11.02
N ALA A 355 -18.58 17.50 10.44
CA ALA A 355 -19.51 18.39 11.12
C ALA A 355 -20.92 17.84 11.02
N GLY A 356 -21.73 18.16 12.05
CA GLY A 356 -23.16 17.92 12.03
C GLY A 356 -23.51 16.76 12.97
N ASP A 357 -24.58 16.92 13.77
CA ASP A 357 -25.12 15.79 14.50
C ASP A 357 -26.38 15.25 13.80
N SER A 358 -27.15 16.15 13.17
CA SER A 358 -28.23 15.74 12.30
C SER A 358 -27.70 15.61 10.88
N MET A 359 -26.90 14.54 10.66
CA MET A 359 -26.03 14.41 9.51
C MET A 359 -25.64 12.93 9.43
N ILE A 360 -25.68 12.36 8.22
CA ILE A 360 -25.19 11.01 8.04
C ILE A 360 -24.31 10.99 6.79
N PHE A 361 -23.48 9.94 6.67
CA PHE A 361 -22.84 9.63 5.39
C PHE A 361 -23.62 8.47 4.77
N VAL A 362 -23.91 8.56 3.48
CA VAL A 362 -24.42 7.41 2.73
C VAL A 362 -23.51 7.13 1.55
N ASP A 363 -23.50 5.86 1.14
CA ASP A 363 -22.87 5.43 -0.09
C ASP A 363 -23.84 5.71 -1.25
N LYS A 364 -23.42 5.32 -2.46
CA LYS A 364 -24.19 5.57 -3.68
C LYS A 364 -25.46 4.71 -3.73
N ARG A 365 -25.65 3.81 -2.75
CA ARG A 365 -26.90 3.06 -2.61
C ARG A 365 -27.87 3.75 -1.65
N GLY A 366 -27.41 4.79 -0.94
CA GLY A 366 -28.28 5.51 0.00
C GLY A 366 -28.31 4.87 1.38
N LYS A 367 -27.25 4.11 1.71
CA LYS A 367 -27.14 3.43 2.99
C LYS A 367 -25.90 3.91 3.76
N ARG A 368 -26.03 3.96 5.08
CA ARG A 368 -24.88 4.22 5.95
C ARG A 368 -23.95 3.02 5.89
N VAL A 369 -22.64 3.29 5.93
CA VAL A 369 -21.67 2.20 5.82
C VAL A 369 -20.62 2.30 6.91
N VAL A 370 -20.63 3.40 7.69
CA VAL A 370 -19.54 3.66 8.60
C VAL A 370 -19.99 4.65 9.69
N ASN A 371 -19.28 4.61 10.82
CA ASN A 371 -19.38 5.61 11.86
C ASN A 371 -18.76 6.91 11.33
N GLU A 372 -19.58 7.95 11.13
CA GLU A 372 -19.13 9.18 10.50
C GLU A 372 -18.19 9.96 11.44
N LYS A 373 -18.14 9.56 12.73
CA LYS A 373 -17.37 10.28 13.73
C LYS A 373 -16.06 9.53 14.03
N LEU A 374 -15.78 8.46 13.28
CA LEU A 374 -14.61 7.62 13.51
C LEU A 374 -13.35 8.44 13.25
N ASN A 375 -12.27 8.16 14.00
CA ASN A 375 -10.98 8.82 13.80
C ASN A 375 -10.64 8.93 12.31
N TYR A 376 -10.21 10.13 11.90
CA TYR A 376 -9.98 10.48 10.50
C TYR A 376 -9.03 9.50 9.81
N ASN A 377 -7.96 9.07 10.49
CA ASN A 377 -6.95 8.22 9.87
C ASN A 377 -7.53 6.84 9.54
N GLU A 378 -8.53 6.41 10.34
CA GLU A 378 -9.19 5.14 10.11
C GLU A 378 -10.37 5.31 9.13
N LEU A 379 -11.15 6.41 9.27
CA LEU A 379 -12.35 6.62 8.47
C LEU A 379 -11.97 6.72 6.98
N CYS A 380 -10.83 7.35 6.69
CA CYS A 380 -10.41 7.52 5.30
C CYS A 380 -10.27 6.15 4.61
N GLN A 381 -9.84 5.13 5.36
CA GLN A 381 -9.59 3.80 4.81
C GLN A 381 -10.88 3.13 4.31
N LYS A 382 -12.02 3.47 4.95
CA LYS A 382 -13.31 2.91 4.55
C LYS A 382 -13.61 3.27 3.09
N LEU A 383 -13.13 4.44 2.64
CA LEU A 383 -13.42 4.96 1.31
C LEU A 383 -12.75 4.11 0.23
N PHE A 384 -11.81 3.24 0.63
CA PHE A 384 -11.05 2.49 -0.36
C PHE A 384 -11.29 0.99 -0.25
N GLU A 385 -12.35 0.57 0.46
CA GLU A 385 -12.77 -0.81 0.41
CA GLU A 385 -12.78 -0.81 0.40
C GLU A 385 -12.95 -1.21 -1.06
N TRP A 386 -12.54 -2.45 -1.39
CA TRP A 386 -12.54 -2.89 -2.79
C TRP A 386 -13.63 -3.94 -2.99
N ASP A 387 -14.43 -3.80 -4.06
CA ASP A 387 -15.42 -4.79 -4.46
C ASP A 387 -14.88 -5.50 -5.70
N GLY A 388 -14.27 -6.67 -5.48
CA GLY A 388 -13.67 -7.42 -6.56
C GLY A 388 -14.70 -7.95 -7.56
N ALA A 389 -15.91 -8.28 -7.07
CA ALA A 389 -16.97 -8.84 -7.90
C ALA A 389 -17.41 -7.82 -8.96
N LYS A 390 -17.50 -6.54 -8.58
CA LYS A 390 -17.96 -5.52 -9.51
C LYS A 390 -16.80 -4.70 -10.08
N VAL A 391 -15.56 -5.01 -9.67
CA VAL A 391 -14.36 -4.28 -10.10
C VAL A 391 -14.56 -2.78 -9.86
N GLU A 392 -14.86 -2.42 -8.61
CA GLU A 392 -15.06 -1.01 -8.26
C GLU A 392 -14.81 -0.81 -6.76
N TYR A 393 -14.60 0.46 -6.39
CA TYR A 393 -14.53 0.88 -4.99
C TYR A 393 -15.92 1.37 -4.59
N PRO A 394 -16.70 0.59 -3.81
CA PRO A 394 -18.08 0.93 -3.50
C PRO A 394 -18.26 2.25 -2.73
N ASN A 395 -17.26 2.64 -1.94
CA ASN A 395 -17.35 3.82 -1.08
C ASN A 395 -16.42 4.94 -1.58
N LEU A 396 -16.08 4.92 -2.88
CA LEU A 396 -14.98 5.76 -3.37
C LEU A 396 -15.20 7.22 -3.00
N VAL A 397 -16.45 7.67 -3.18
CA VAL A 397 -16.90 8.86 -2.50
C VAL A 397 -18.12 8.47 -1.67
N LEU A 398 -18.23 9.06 -0.47
CA LEU A 398 -19.44 8.97 0.31
C LEU A 398 -20.10 10.34 0.28
N ILE A 399 -21.39 10.36 0.61
CA ILE A 399 -22.15 11.59 0.55
C ILE A 399 -22.52 11.97 1.97
N SER A 400 -22.04 13.14 2.41
CA SER A 400 -22.47 13.67 3.70
C SER A 400 -23.77 14.44 3.45
N ILE A 401 -24.82 14.13 4.21
CA ILE A 401 -26.14 14.74 4.02
C ILE A 401 -26.54 15.34 5.37
N TRP A 402 -26.98 16.61 5.35
CA TRP A 402 -27.38 17.26 6.59
C TRP A 402 -28.59 18.17 6.34
N ASP A 403 -29.13 18.68 7.45
CA ASP A 403 -30.36 19.48 7.41
C ASP A 403 -30.06 20.91 7.85
N GLN A 404 -31.12 21.75 7.90
CA GLN A 404 -30.97 23.16 8.22
C GLN A 404 -30.39 23.36 9.62
N ARG A 405 -30.79 22.52 10.59
CA ARG A 405 -30.27 22.64 11.95
C ARG A 405 -28.73 22.51 11.96
N SER A 406 -28.18 21.49 11.27
CA SER A 406 -26.74 21.31 11.22
C SER A 406 -26.07 22.43 10.41
N GLN A 407 -26.74 22.90 9.36
CA GLN A 407 -26.24 24.00 8.54
C GLN A 407 -26.02 25.23 9.43
N ASP A 408 -27.03 25.52 10.27
CA ASP A 408 -27.05 26.74 11.06
C ASP A 408 -26.14 26.62 12.28
N HIS A 409 -25.97 25.41 12.86
CA HIS A 409 -25.38 25.31 14.18
C HIS A 409 -24.12 24.45 14.22
N SER A 410 -23.75 23.83 13.08
CA SER A 410 -22.57 22.96 13.05
C SER A 410 -21.57 23.44 12.00
N ALA A 411 -21.83 24.57 11.33
CA ALA A 411 -20.95 25.05 10.28
C ALA A 411 -19.63 25.52 10.91
N SER A 412 -18.53 25.41 10.16
CA SER A 412 -17.23 25.78 10.67
C SER A 412 -16.31 26.05 9.49
N ASN A 413 -15.42 27.03 9.64
CA ASN A 413 -14.36 27.24 8.67
C ASN A 413 -13.13 26.39 9.02
N ASP A 414 -13.19 25.62 10.10
CA ASP A 414 -12.01 24.94 10.64
C ASP A 414 -12.13 23.41 10.54
N TYR A 415 -10.95 22.73 10.56
CA TYR A 415 -10.85 21.29 10.76
C TYR A 415 -11.54 20.52 9.63
N GLY A 416 -11.63 21.15 8.47
CA GLY A 416 -12.01 20.45 7.25
C GLY A 416 -13.51 20.19 7.14
N SER A 417 -14.30 20.87 7.98
CA SER A 417 -15.75 20.74 7.92
C SER A 417 -16.26 21.02 6.51
N ALA A 418 -17.17 20.17 6.01
CA ALA A 418 -17.83 20.44 4.74
C ALA A 418 -19.00 21.41 4.93
N ILE A 419 -19.52 21.51 6.17
CA ILE A 419 -20.58 22.46 6.49
C ILE A 419 -19.97 23.81 6.81
N VAL A 420 -20.25 24.82 5.99
CA VAL A 420 -19.51 26.06 6.07
C VAL A 420 -20.48 27.22 6.29
N PRO A 421 -20.07 28.27 7.05
CA PRO A 421 -20.98 29.33 7.48
C PRO A 421 -21.22 30.34 6.36
N PRO A 422 -22.18 31.26 6.51
CA PRO A 422 -22.47 32.26 5.48
C PRO A 422 -21.20 33.02 5.11
N GLY A 423 -20.97 33.21 3.81
CA GLY A 423 -19.79 33.94 3.38
C GLY A 423 -18.64 33.03 2.94
N ALA A 424 -18.61 31.79 3.45
CA ALA A 424 -17.59 30.84 3.07
C ALA A 424 -17.76 30.42 1.61
N ASP A 425 -16.69 29.87 1.01
CA ASP A 425 -16.76 29.21 -0.29
C ASP A 425 -17.68 27.98 -0.19
N ASP A 426 -18.79 27.96 -0.93
CA ASP A 426 -19.76 26.89 -0.78
C ASP A 426 -19.96 26.10 -2.09
N ARG A 427 -18.97 26.17 -3.00
CA ARG A 427 -19.12 25.53 -4.30
C ARG A 427 -19.27 24.01 -4.15
N HIS A 428 -18.74 23.45 -3.05
CA HIS A 428 -18.80 22.00 -2.84
C HIS A 428 -20.13 21.56 -2.23
N VAL A 429 -20.99 22.54 -1.86
CA VAL A 429 -22.20 22.18 -1.15
C VAL A 429 -23.32 21.95 -2.17
N ILE A 430 -24.02 20.82 -2.05
CA ILE A 430 -25.16 20.46 -2.89
C ILE A 430 -26.43 20.75 -2.08
N LYS A 431 -27.47 21.27 -2.74
CA LYS A 431 -28.63 21.74 -1.98
C LYS A 431 -29.92 21.42 -2.73
N SER A 432 -30.97 21.03 -2.01
CA SER A 432 -32.27 20.81 -2.65
C SER A 432 -33.38 20.91 -1.62
N ASP A 433 -34.60 21.18 -2.11
CA ASP A 433 -35.77 21.33 -1.26
C ASP A 433 -36.42 19.98 -0.93
N THR A 434 -36.08 18.91 -1.66
CA THR A 434 -36.59 17.60 -1.28
C THR A 434 -35.44 16.59 -1.31
N LEU A 435 -35.63 15.40 -0.71
CA LEU A 435 -34.61 14.37 -0.76
C LEU A 435 -34.45 13.88 -2.20
N ASP A 436 -35.57 13.79 -2.94
CA ASP A 436 -35.54 13.32 -4.31
C ASP A 436 -34.82 14.34 -5.19
N GLY A 437 -35.06 15.62 -4.94
CA GLY A 437 -34.33 16.68 -5.60
C GLY A 437 -32.82 16.62 -5.27
N LEU A 438 -32.50 16.29 -4.01
CA LEU A 438 -31.10 16.26 -3.62
C LEU A 438 -30.37 15.17 -4.41
N SER A 439 -31.00 14.00 -4.54
CA SER A 439 -30.37 12.90 -5.29
C SER A 439 -30.12 13.29 -6.74
N GLN A 440 -31.07 14.01 -7.36
CA GLN A 440 -30.85 14.55 -8.70
C GLN A 440 -29.63 15.47 -8.73
N GLN A 441 -29.49 16.33 -7.70
CA GLN A 441 -28.35 17.24 -7.63
C GLN A 441 -27.04 16.49 -7.39
N ILE A 442 -27.07 15.48 -6.52
CA ILE A 442 -25.90 14.65 -6.27
C ILE A 442 -25.47 13.93 -7.56
N SER A 443 -26.44 13.42 -8.33
CA SER A 443 -26.16 12.75 -9.60
C SER A 443 -25.40 13.66 -10.57
N LEU A 444 -25.82 14.92 -10.66
CA LEU A 444 -25.15 15.89 -11.51
C LEU A 444 -23.69 16.06 -11.10
N ARG A 445 -23.44 16.04 -9.78
CA ARG A 445 -22.11 16.24 -9.25
C ARG A 445 -21.24 15.02 -9.57
N LEU A 446 -21.79 13.81 -9.44
CA LEU A 446 -21.08 12.59 -9.78
C LEU A 446 -20.73 12.60 -11.27
N LYS A 447 -21.67 13.07 -12.10
CA LYS A 447 -21.43 13.10 -13.53
C LYS A 447 -20.28 14.07 -13.84
N LYS A 448 -20.24 15.19 -13.13
CA LYS A 448 -19.20 16.18 -13.37
C LYS A 448 -17.82 15.57 -13.15
N TYR A 449 -17.69 14.67 -12.15
CA TYR A 449 -16.38 14.12 -11.79
C TYR A 449 -16.23 12.65 -12.24
N ALA A 450 -17.05 12.21 -13.21
CA ALA A 450 -17.18 10.81 -13.60
C ALA A 450 -15.82 10.16 -13.84
N GLY A 451 -14.94 10.87 -14.56
CA GLY A 451 -13.60 10.37 -14.93
C GLY A 451 -12.63 10.17 -13.75
N GLN A 452 -13.01 10.63 -12.53
CA GLN A 452 -12.16 10.45 -11.36
C GLN A 452 -12.67 9.35 -10.43
N ILE A 453 -13.94 8.96 -10.61
CA ILE A 453 -14.63 8.11 -9.65
C ILE A 453 -15.30 6.92 -10.32
N GLY A 454 -14.70 6.43 -11.41
CA GLY A 454 -15.17 5.20 -12.04
C GLY A 454 -16.55 5.33 -12.65
N HIS A 455 -16.96 6.55 -13.03
CA HIS A 455 -18.30 6.78 -13.58
C HIS A 455 -19.37 6.24 -12.62
N MET A 456 -19.12 6.35 -11.31
CA MET A 456 -20.05 6.00 -10.26
C MET A 456 -21.44 6.63 -10.50
N GLU A 457 -22.51 5.85 -10.25
CA GLU A 457 -23.88 6.37 -10.27
C GLU A 457 -24.62 5.98 -9.00
N LEU A 458 -25.64 6.79 -8.63
CA LEU A 458 -26.55 6.40 -7.56
C LEU A 458 -27.33 5.16 -7.99
N SER A 459 -27.63 4.25 -7.06
CA SER A 459 -28.41 3.07 -7.43
C SER A 459 -29.86 3.46 -7.78
N SER A 460 -30.54 2.58 -8.54
CA SER A 460 -31.90 2.92 -8.94
C SER A 460 -32.83 3.03 -7.71
N ASP A 461 -32.49 2.37 -6.59
CA ASP A 461 -33.33 2.44 -5.40
C ASP A 461 -32.76 3.40 -4.34
N PHE A 462 -31.91 4.33 -4.76
CA PHE A 462 -31.27 5.32 -3.86
C PHE A 462 -32.30 6.04 -2.98
N ASN A 463 -33.37 6.60 -3.57
CA ASN A 463 -34.26 7.46 -2.78
C ASN A 463 -34.98 6.66 -1.71
N ALA A 464 -35.47 5.46 -2.06
CA ALA A 464 -36.12 4.60 -1.08
C ALA A 464 -35.14 4.18 0.02
N ASN A 465 -33.92 3.80 -0.35
CA ASN A 465 -32.94 3.39 0.65
C ASN A 465 -32.61 4.58 1.56
N LEU A 466 -32.49 5.78 1.00
CA LEU A 466 -32.12 6.95 1.82
C LEU A 466 -33.20 7.22 2.86
N ARG A 467 -34.48 7.14 2.46
CA ARG A 467 -35.57 7.40 3.40
C ARG A 467 -35.49 6.38 4.52
N GLU A 468 -35.22 5.11 4.16
CA GLU A 468 -35.10 4.06 5.17
C GLU A 468 -33.88 4.32 6.08
N SER A 469 -32.76 4.74 5.49
CA SER A 469 -31.56 5.04 6.27
C SER A 469 -31.80 6.19 7.27
N ILE A 470 -32.51 7.24 6.82
CA ILE A 470 -32.81 8.36 7.69
C ILE A 470 -33.75 7.94 8.81
N LEU A 471 -34.78 7.15 8.49
CA LEU A 471 -35.67 6.67 9.54
C LEU A 471 -34.91 5.83 10.58
N ARG A 472 -34.05 4.92 10.12
CA ARG A 472 -33.28 4.08 11.03
C ARG A 472 -32.36 4.94 11.92
N PHE A 473 -31.63 5.88 11.29
CA PHE A 473 -30.71 6.76 12.02
C PHE A 473 -31.46 7.60 13.05
N ASN A 474 -32.64 8.09 12.66
CA ASN A 474 -33.47 8.92 13.52
C ASN A 474 -33.87 8.17 14.79
N GLY A 475 -34.18 6.88 14.68
CA GLY A 475 -34.35 6.02 15.83
C GLY A 475 -33.10 6.00 16.72
N PHE A 476 -31.92 5.75 16.13
CA PHE A 476 -30.67 5.73 16.88
C PHE A 476 -30.43 7.09 17.55
N ALA A 477 -30.79 8.18 16.88
CA ALA A 477 -30.55 9.50 17.43
C ALA A 477 -31.49 9.76 18.63
N SER A 478 -32.67 9.13 18.63
CA SER A 478 -33.62 9.26 19.74
C SER A 478 -33.17 8.48 20.97
N THR A 479 -32.72 7.24 20.74
CA THR A 479 -32.32 6.40 21.86
C THR A 479 -30.91 6.78 22.30
N GLY A 480 -30.16 7.48 21.45
CA GLY A 480 -28.75 7.76 21.68
C GLY A 480 -27.85 6.56 21.38
N LYS A 481 -28.41 5.49 20.80
CA LYS A 481 -27.61 4.30 20.55
C LYS A 481 -27.62 3.92 19.06
N ASP A 482 -26.47 4.08 18.40
CA ASP A 482 -26.26 3.69 17.00
C ASP A 482 -25.91 2.21 16.95
N GLU A 483 -26.95 1.37 16.76
CA GLU A 483 -26.81 -0.08 16.82
C GLU A 483 -25.97 -0.59 15.64
N ASP A 484 -25.88 0.19 14.56
CA ASP A 484 -25.17 -0.26 13.37
C ASP A 484 -23.68 0.08 13.46
N PHE A 485 -23.32 1.33 13.79
CA PHE A 485 -21.91 1.73 13.69
C PHE A 485 -21.36 2.35 14.99
N HIS A 486 -22.15 2.40 16.08
CA HIS A 486 -21.65 2.77 17.40
C HIS A 486 -21.11 4.21 17.46
N ARG A 487 -21.70 5.09 16.65
CA ARG A 487 -21.34 6.49 16.61
C ARG A 487 -21.49 7.09 18.02
N GLY A 488 -20.44 7.77 18.49
CA GLY A 488 -20.45 8.43 19.78
C GLY A 488 -20.03 7.54 20.96
N GLU A 489 -19.68 6.27 20.75
CA GLU A 489 -19.42 5.38 21.87
C GLU A 489 -17.94 5.41 22.29
N ARG A 490 -17.05 5.96 21.46
CA ARG A 490 -15.66 6.08 21.82
C ARG A 490 -15.38 7.56 22.10
N ALA A 491 -14.47 7.85 23.04
CA ALA A 491 -14.18 9.24 23.41
C ALA A 491 -13.77 10.09 22.20
N SER A 492 -12.97 9.51 21.30
CA SER A 492 -12.48 10.26 20.16
C SER A 492 -13.62 10.71 19.23
N ASP A 493 -14.76 9.98 19.21
CA ASP A 493 -15.89 10.41 18.40
C ASP A 493 -16.42 11.75 18.90
N VAL A 494 -16.38 11.92 20.25
CA VAL A 494 -16.91 13.11 20.89
C VAL A 494 -15.90 14.23 20.73
N LEU A 495 -14.62 13.86 20.85
CA LEU A 495 -13.50 14.80 20.73
C LEU A 495 -13.59 15.61 19.44
N PHE A 496 -13.85 14.98 18.29
CA PHE A 496 -13.88 15.72 17.03
C PHE A 496 -15.31 15.93 16.50
N ASN A 497 -16.29 15.91 17.40
CA ASN A 497 -17.70 15.98 17.01
C ASN A 497 -18.04 17.33 16.38
N GLY A 498 -17.34 18.40 16.77
CA GLY A 498 -17.60 19.75 16.28
C GLY A 498 -18.71 20.44 17.09
N SER A 499 -19.13 21.61 16.61
CA SER A 499 -20.23 22.37 17.20
C SER A 499 -21.57 21.73 16.86
N THR A 500 -22.52 21.81 17.82
CA THR A 500 -23.89 21.37 17.59
C THR A 500 -24.83 22.34 18.33
N LYS A 501 -26.09 22.42 17.90
CA LYS A 501 -27.08 23.16 18.66
C LYS A 501 -27.37 22.42 19.97
N LYS A 502 -27.27 23.14 21.09
CA LYS A 502 -27.54 22.49 22.37
C LYS A 502 -29.02 22.09 22.41
N GLU A 503 -29.28 20.85 22.82
CA GLU A 503 -30.63 20.31 22.88
C GLU A 503 -30.82 19.68 24.26
N PRO A 504 -31.78 20.17 25.08
CA PRO A 504 -32.09 19.51 26.35
C PRO A 504 -32.51 18.06 26.09
N ASP A 505 -31.81 17.13 26.74
CA ASP A 505 -32.12 15.70 26.64
C ASP A 505 -31.84 15.13 25.23
N GLN A 506 -30.81 15.66 24.58
CA GLN A 506 -30.05 14.88 23.61
C GLN A 506 -29.29 13.78 24.37
N LYS A 507 -29.50 12.53 23.97
CA LYS A 507 -28.92 11.39 24.68
C LYS A 507 -27.46 11.15 24.30
N ASN A 508 -27.10 11.46 23.05
CA ASN A 508 -25.75 11.23 22.56
C ASN A 508 -25.38 12.47 21.77
N PRO A 509 -24.30 13.21 22.13
CA PRO A 509 -24.01 14.49 21.48
C PRO A 509 -23.66 14.39 19.98
N THR A 510 -23.37 13.17 19.49
CA THR A 510 -22.95 13.00 18.11
C THR A 510 -24.12 12.73 17.15
N MET A 511 -25.35 12.63 17.67
CA MET A 511 -26.50 12.32 16.82
C MET A 511 -27.73 13.14 17.23
N TRP A 512 -28.49 13.57 16.22
CA TRP A 512 -29.78 14.22 16.45
C TRP A 512 -30.65 13.91 15.24
N PRO A 513 -31.97 13.66 15.39
CA PRO A 513 -32.77 13.24 14.23
C PRO A 513 -32.71 14.26 13.09
N ILE A 514 -32.59 13.77 11.85
CA ILE A 514 -32.62 14.61 10.66
C ILE A 514 -34.06 15.08 10.43
N SER A 515 -34.17 16.38 10.19
CA SER A 515 -35.44 17.07 10.01
C SER A 515 -36.23 16.41 8.88
N SER A 516 -37.55 16.34 9.05
CA SER A 516 -38.43 15.84 7.99
C SER A 516 -38.72 16.92 6.95
N VAL A 517 -38.22 18.15 7.14
CA VAL A 517 -38.33 19.12 6.06
C VAL A 517 -36.96 19.64 5.63
N GLY A 518 -36.89 20.07 4.37
CA GLY A 518 -35.68 20.67 3.86
C GLY A 518 -35.53 22.13 4.24
N PRO A 519 -34.60 22.86 3.61
CA PRO A 519 -33.73 22.26 2.59
C PRO A 519 -32.74 21.24 3.15
N TYR A 520 -32.25 20.39 2.25
CA TYR A 520 -31.24 19.41 2.60
C TYR A 520 -29.96 19.77 1.85
N TYR A 521 -28.85 19.39 2.48
CA TYR A 521 -27.54 19.77 1.98
C TYR A 521 -26.72 18.49 1.90
N ALA A 522 -25.71 18.50 1.02
CA ALA A 522 -24.84 17.35 0.86
C ALA A 522 -23.47 17.81 0.36
N ALA A 523 -22.45 16.97 0.61
CA ALA A 523 -21.17 17.21 -0.01
C ALA A 523 -20.50 15.85 -0.23
N LEU A 524 -19.73 15.75 -1.31
CA LEU A 524 -18.97 14.54 -1.60
C LEU A 524 -17.72 14.51 -0.70
N VAL A 525 -17.47 13.34 -0.11
CA VAL A 525 -16.32 13.11 0.74
C VAL A 525 -15.46 12.03 0.10
N GLY A 526 -14.17 12.35 -0.12
CA GLY A 526 -13.23 11.40 -0.69
C GLY A 526 -12.06 11.22 0.26
N GLY A 527 -11.10 10.38 -0.14
CA GLY A 527 -9.98 10.06 0.73
C GLY A 527 -8.76 10.87 0.36
N GLY A 528 -8.10 11.45 1.38
CA GLY A 528 -6.90 12.25 1.17
C GLY A 528 -5.85 11.98 2.26
N THR A 529 -4.84 12.85 2.30
CA THR A 529 -3.80 12.76 3.31
C THR A 529 -3.72 14.09 4.07
N LEU A 530 -3.04 14.04 5.22
CA LEU A 530 -2.42 15.24 5.77
C LEU A 530 -1.10 15.45 5.01
N ASP A 531 -0.22 14.46 5.08
CA ASP A 531 0.85 14.30 4.10
C ASP A 531 1.32 12.84 4.21
N THR A 532 2.28 12.46 3.36
CA THR A 532 2.88 11.13 3.40
C THR A 532 3.87 11.06 4.57
N LYS A 533 4.28 9.84 4.93
CA LYS A 533 5.24 9.66 6.02
C LYS A 533 6.27 8.58 5.69
N GLY A 534 6.59 8.45 4.42
CA GLY A 534 7.63 7.52 3.99
C GLY A 534 8.77 8.28 3.34
N GLY A 535 9.98 7.73 3.46
CA GLY A 535 11.14 8.34 2.82
C GLY A 535 12.39 7.60 3.25
N PRO A 536 13.58 8.21 3.04
CA PRO A 536 14.83 7.62 3.49
C PRO A 536 14.73 7.24 4.95
N LYS A 537 15.23 6.05 5.28
CA LYS A 537 15.30 5.61 6.67
C LYS A 537 16.42 6.38 7.38
N THR A 538 16.14 6.87 8.60
CA THR A 538 17.17 7.41 9.47
C THR A 538 17.37 6.52 10.69
N ASN A 539 18.52 6.70 11.37
CA ASN A 539 18.66 6.20 12.74
C ASN A 539 17.93 7.15 13.68
N THR A 540 18.05 6.92 15.00
CA THR A 540 17.31 7.73 15.96
C THR A 540 17.94 9.11 16.10
N HIS A 541 19.05 9.34 15.41
CA HIS A 541 19.70 10.65 15.41
C HIS A 541 19.49 11.40 14.09
N GLY A 542 18.51 10.93 13.31
CA GLY A 542 18.11 11.62 12.09
C GLY A 542 19.11 11.46 10.94
N GLN A 543 20.12 10.58 11.10
CA GLN A 543 21.12 10.39 10.06
C GLN A 543 20.53 9.47 9.00
N ILE A 544 20.58 9.92 7.74
CA ILE A 544 20.07 9.13 6.63
C ILE A 544 21.05 7.98 6.35
N LEU A 545 20.54 6.74 6.28
CA LEU A 545 21.35 5.55 6.23
C LEU A 545 21.47 5.05 4.79
N ASP A 546 22.61 4.39 4.51
CA ASP A 546 22.82 3.70 3.26
C ASP A 546 22.18 2.32 3.39
N ILE A 547 22.31 1.48 2.36
CA ILE A 547 21.62 0.19 2.39
C ILE A 547 22.28 -0.76 3.39
N HIS A 548 23.47 -0.44 3.92
CA HIS A 548 24.04 -1.31 4.94
C HIS A 548 23.74 -0.77 6.34
N ASP A 549 22.79 0.16 6.45
CA ASP A 549 22.39 0.75 7.73
C ASP A 549 23.48 1.64 8.31
N LYS A 550 24.42 2.13 7.48
CA LYS A 550 25.47 3.01 7.97
C LYS A 550 25.16 4.45 7.54
N PRO A 551 25.37 5.47 8.40
CA PRO A 551 25.10 6.86 8.01
C PRO A 551 25.81 7.27 6.73
N ILE A 552 25.09 8.00 5.87
CA ILE A 552 25.73 8.80 4.83
C ILE A 552 26.20 10.09 5.51
N ARG A 553 27.53 10.22 5.64
CA ARG A 553 28.07 11.19 6.59
C ARG A 553 27.66 12.60 6.18
N GLY A 554 27.19 13.37 7.16
CA GLY A 554 26.77 14.74 6.90
C GLY A 554 25.31 14.87 6.45
N LEU A 555 24.60 13.73 6.24
CA LEU A 555 23.26 13.84 5.66
C LEU A 555 22.20 13.44 6.68
N TYR A 556 21.25 14.36 6.95
CA TYR A 556 20.23 14.22 7.98
C TYR A 556 18.86 14.48 7.37
N GLY A 557 17.82 13.92 7.99
CA GLY A 557 16.44 14.21 7.63
C GLY A 557 15.55 14.10 8.86
N VAL A 558 14.52 14.95 8.89
CA VAL A 558 13.60 15.05 10.02
C VAL A 558 12.21 15.30 9.47
N GLY A 559 11.18 14.74 10.11
CA GLY A 559 9.82 15.06 9.73
C GLY A 559 9.31 14.18 8.59
N ASN A 560 8.33 14.69 7.83
CA ASN A 560 7.62 13.85 6.88
C ASN A 560 8.50 13.40 5.71
N CYS A 561 9.67 14.05 5.49
CA CYS A 561 10.52 13.68 4.36
C CYS A 561 11.26 12.37 4.60
N VAL A 562 11.31 11.88 5.84
CA VAL A 562 11.98 10.61 6.12
C VAL A 562 10.95 9.61 6.67
N ALA A 563 11.36 8.37 6.86
CA ALA A 563 10.46 7.32 7.32
C ALA A 563 10.00 7.56 8.76
N SER A 564 8.67 7.55 8.97
CA SER A 564 8.11 7.52 10.32
C SER A 564 8.18 6.09 10.87
N ALA A 565 8.34 5.94 12.18
CA ALA A 565 8.25 4.62 12.80
C ALA A 565 6.80 4.24 13.11
N SER A 566 5.83 5.08 12.72
CA SER A 566 4.45 4.85 13.13
C SER A 566 3.65 4.01 12.12
N SER A 567 4.32 3.46 11.10
CA SER A 567 3.65 2.60 10.12
C SER A 567 2.42 3.32 9.54
N GLY A 568 1.25 2.67 9.59
CA GLY A 568 0.00 3.27 9.14
C GLY A 568 -0.84 3.83 10.29
N ALA A 569 -0.25 3.97 11.49
CA ALA A 569 -1.01 4.35 12.67
C ALA A 569 -0.93 5.85 12.94
N TYR A 570 -1.96 6.37 13.60
CA TYR A 570 -2.04 7.76 14.04
C TYR A 570 -2.44 7.71 15.52
N TRP A 571 -1.44 7.87 16.41
CA TRP A 571 -1.60 7.53 17.82
C TRP A 571 -2.58 8.42 18.59
N ALA A 572 -2.59 9.71 18.24
CA ALA A 572 -3.21 10.74 19.06
C ALA A 572 -3.09 12.06 18.32
N GLY A 573 -3.86 13.09 18.75
CA GLY A 573 -3.64 14.43 18.24
C GLY A 573 -2.19 14.85 18.51
N GLY A 574 -1.50 15.37 17.48
CA GLY A 574 -0.14 15.83 17.67
C GLY A 574 0.90 14.74 17.48
N ALA A 575 0.47 13.55 17.00
CA ALA A 575 1.37 12.42 16.80
C ALA A 575 2.31 12.60 15.62
N THR A 576 2.11 13.64 14.78
CA THR A 576 3.12 13.93 13.77
C THR A 576 4.17 14.90 14.30
N LEU A 577 3.74 16.02 14.90
CA LEU A 577 4.65 17.11 15.30
C LEU A 577 5.45 16.80 16.55
N GLY A 578 4.83 16.12 17.54
CA GLY A 578 5.53 15.76 18.77
C GLY A 578 6.79 14.94 18.47
N PRO A 579 6.67 13.76 17.82
CA PRO A 579 7.85 12.97 17.45
C PRO A 579 8.84 13.76 16.61
N MET A 580 8.30 14.63 15.75
CA MET A 580 9.13 15.37 14.82
C MET A 580 10.09 16.30 15.59
N ILE A 581 9.61 16.92 16.66
CA ILE A 581 10.40 17.86 17.44
C ILE A 581 11.48 17.08 18.19
N ALA A 582 11.12 15.89 18.69
CA ALA A 582 12.09 15.02 19.35
C ALA A 582 13.26 14.73 18.40
N PHE A 583 12.95 14.36 17.15
CA PHE A 583 14.01 14.04 16.19
C PHE A 583 14.78 15.28 15.70
N ALA A 584 14.11 16.44 15.59
CA ALA A 584 14.87 17.65 15.26
C ALA A 584 15.96 17.88 16.31
N TYR A 585 15.62 17.63 17.57
CA TYR A 585 16.51 17.85 18.69
C TYR A 585 17.66 16.85 18.62
N ARG A 586 17.35 15.57 18.39
CA ARG A 586 18.37 14.54 18.32
C ARG A 586 19.25 14.75 17.09
N ALA A 587 18.65 15.15 15.97
CA ALA A 587 19.38 15.39 14.74
C ALA A 587 20.36 16.55 14.91
N ALA A 588 19.87 17.65 15.49
CA ALA A 588 20.71 18.83 15.70
C ALA A 588 21.87 18.52 16.65
N ASN A 589 21.59 17.77 17.71
CA ASN A 589 22.61 17.38 18.67
C ASN A 589 23.70 16.56 17.98
N ALA A 590 23.30 15.63 17.11
CA ALA A 590 24.28 14.82 16.39
C ALA A 590 25.02 15.67 15.34
N ALA A 591 24.27 16.50 14.58
CA ALA A 591 24.88 17.30 13.51
C ALA A 591 25.95 18.23 14.09
N HIS A 592 25.67 18.77 15.29
CA HIS A 592 26.61 19.64 15.98
C HIS A 592 27.97 18.95 16.18
N GLY A 593 27.93 17.63 16.42
CA GLY A 593 29.12 16.84 16.67
C GLY A 593 29.91 16.52 15.40
N GLU A 594 29.37 16.81 14.20
CA GLU A 594 30.06 16.49 12.97
C GLU A 594 31.35 17.32 12.86
N PRO A 595 32.45 16.77 12.30
CA PRO A 595 33.64 17.57 12.01
C PRO A 595 33.32 18.53 10.88
N LYS A 596 34.02 19.68 10.82
CA LYS A 596 33.89 20.53 9.65
C LYS A 596 34.63 19.87 8.49
N ARG A 597 33.99 19.77 7.31
CA ARG A 597 34.64 19.03 6.24
C ARG A 597 34.72 19.88 4.98
N THR A 598 35.50 19.37 4.02
CA THR A 598 35.74 19.87 2.66
C THR A 598 35.69 21.40 2.64
N ALA B 63 39.31 -2.05 -12.59
CA ALA B 63 39.52 -3.47 -12.16
C ALA B 63 39.01 -4.41 -13.24
N SER B 64 39.41 -5.69 -13.18
CA SER B 64 39.09 -6.59 -14.27
C SER B 64 38.07 -7.66 -13.89
N PHE B 65 37.65 -8.38 -14.93
CA PHE B 65 36.56 -9.33 -14.89
C PHE B 65 37.16 -10.71 -15.13
N SER B 66 36.51 -11.75 -14.61
CA SER B 66 37.02 -13.10 -14.82
C SER B 66 36.32 -13.81 -15.99
N ALA B 67 35.22 -13.22 -16.50
CA ALA B 67 34.60 -13.75 -17.71
C ALA B 67 33.89 -12.60 -18.45
N GLU B 68 33.53 -12.86 -19.70
CA GLU B 68 32.97 -11.81 -20.54
C GLU B 68 31.95 -12.47 -21.46
N TYR B 69 30.76 -11.86 -21.60
CA TYR B 69 29.73 -12.30 -22.52
C TYR B 69 29.08 -11.06 -23.15
N ASP B 70 28.40 -11.26 -24.29
CA ASP B 70 27.65 -10.18 -24.90
C ASP B 70 26.51 -9.75 -23.99
N ILE B 71 25.78 -10.74 -23.47
CA ILE B 71 24.58 -10.50 -22.69
C ILE B 71 24.65 -11.32 -21.41
N VAL B 72 24.49 -10.64 -20.28
CA VAL B 72 24.47 -11.30 -18.98
C VAL B 72 23.04 -11.25 -18.45
N VAL B 73 22.49 -12.43 -18.14
CA VAL B 73 21.11 -12.54 -17.68
C VAL B 73 21.11 -12.96 -16.21
N VAL B 74 20.27 -12.29 -15.42
CA VAL B 74 20.24 -12.54 -13.98
C VAL B 74 18.89 -13.17 -13.63
N GLY B 75 18.94 -14.43 -13.18
CA GLY B 75 17.75 -15.20 -12.84
C GLY B 75 17.42 -16.25 -13.89
N SER B 76 16.86 -17.40 -13.46
CA SER B 76 16.57 -18.50 -14.37
C SER B 76 15.11 -18.94 -14.26
N GLY B 77 14.19 -18.02 -13.92
CA GLY B 77 12.78 -18.32 -14.17
C GLY B 77 12.39 -18.01 -15.62
N CYS B 78 11.09 -17.75 -15.83
CA CYS B 78 10.62 -17.42 -17.16
C CYS B 78 11.34 -16.19 -17.73
N ALA B 79 11.44 -15.11 -16.95
CA ALA B 79 11.99 -13.86 -17.49
C ALA B 79 13.41 -14.07 -18.00
N GLY B 80 14.23 -14.71 -17.17
CA GLY B 80 15.64 -14.88 -17.50
C GLY B 80 15.85 -15.89 -18.62
N LEU B 81 15.15 -17.03 -18.57
CA LEU B 81 15.41 -18.06 -19.57
C LEU B 81 14.99 -17.59 -20.95
N THR B 82 13.82 -16.93 -21.02
CA THR B 82 13.33 -16.49 -22.32
C THR B 82 14.19 -15.35 -22.85
N SER B 83 14.54 -14.40 -21.97
CA SER B 83 15.42 -13.30 -22.37
C SER B 83 16.73 -13.88 -22.91
N ALA B 84 17.27 -14.88 -22.22
CA ALA B 84 18.53 -15.47 -22.61
C ALA B 84 18.40 -16.14 -23.99
N LEU B 85 17.34 -16.94 -24.17
CA LEU B 85 17.12 -17.67 -25.41
C LEU B 85 16.97 -16.71 -26.60
N PHE B 86 16.09 -15.71 -26.46
CA PHE B 86 15.93 -14.73 -27.52
C PHE B 86 17.26 -14.03 -27.82
N SER B 87 18.08 -13.77 -26.80
CA SER B 87 19.34 -13.08 -26.98
C SER B 87 20.32 -13.96 -27.76
N ARG B 88 20.38 -15.23 -27.36
CA ARG B 88 21.27 -16.19 -27.96
C ARG B 88 20.91 -16.41 -29.43
N TRP B 89 19.61 -16.45 -29.73
CA TRP B 89 19.19 -16.74 -31.09
C TRP B 89 19.53 -15.59 -32.05
N HIS B 90 19.79 -14.39 -31.52
CA HIS B 90 20.24 -13.29 -32.37
C HIS B 90 21.75 -13.41 -32.61
N GLY B 91 22.40 -14.39 -31.97
CA GLY B 91 23.82 -14.65 -32.20
C GLY B 91 24.74 -14.16 -31.09
N ASN B 92 24.21 -13.64 -29.98
CA ASN B 92 25.03 -13.16 -28.89
C ASN B 92 25.54 -14.33 -28.04
N SER B 93 26.72 -14.17 -27.42
CA SER B 93 27.06 -15.05 -26.30
C SER B 93 26.30 -14.60 -25.06
N VAL B 94 25.83 -15.57 -24.26
CA VAL B 94 24.91 -15.30 -23.17
C VAL B 94 25.30 -16.19 -21.99
N VAL B 95 25.27 -15.62 -20.78
CA VAL B 95 25.31 -16.41 -19.54
C VAL B 95 24.06 -16.09 -18.71
N VAL B 96 23.56 -17.09 -17.97
CA VAL B 96 22.47 -16.97 -17.02
C VAL B 96 23.05 -17.19 -15.63
N LEU B 97 22.92 -16.17 -14.75
CA LEU B 97 23.40 -16.24 -13.37
C LEU B 97 22.22 -16.49 -12.45
N GLU B 98 22.24 -17.62 -11.74
CA GLU B 98 21.16 -17.98 -10.83
C GLU B 98 21.69 -18.01 -9.41
N LYS B 99 21.00 -17.29 -8.52
CA LYS B 99 21.32 -17.20 -7.09
C LYS B 99 21.18 -18.55 -6.39
N ALA B 100 20.11 -19.29 -6.70
CA ALA B 100 19.80 -20.57 -6.06
C ALA B 100 20.72 -21.70 -6.57
N ALA B 101 20.63 -22.90 -5.96
CA ALA B 101 21.35 -24.07 -6.46
C ALA B 101 20.65 -24.64 -7.71
N ALA B 102 19.34 -24.43 -7.81
CA ALA B 102 18.55 -25.00 -8.91
C ALA B 102 17.97 -23.90 -9.79
N LEU B 103 17.64 -24.24 -11.04
CA LEU B 103 17.04 -23.28 -11.95
C LEU B 103 15.55 -23.20 -11.70
N GLY B 104 14.93 -22.05 -12.04
CA GLY B 104 13.51 -22.08 -12.31
C GLY B 104 12.68 -21.09 -11.48
N GLY B 105 13.16 -20.77 -10.28
CA GLY B 105 12.50 -19.76 -9.44
C GLY B 105 11.04 -20.10 -9.17
N THR B 106 10.20 -19.05 -9.11
CA THR B 106 8.78 -19.25 -8.89
C THR B 106 8.17 -19.94 -10.11
N THR B 107 8.73 -19.65 -11.29
CA THR B 107 8.21 -20.16 -12.54
C THR B 107 8.11 -21.70 -12.47
N PHE B 108 9.11 -22.32 -11.85
CA PHE B 108 9.16 -23.77 -11.68
C PHE B 108 7.91 -24.26 -10.95
N LYS B 109 7.43 -23.49 -9.99
CA LYS B 109 6.30 -23.91 -9.17
C LYS B 109 4.96 -23.65 -9.86
N SER B 110 4.94 -22.90 -10.98
CA SER B 110 3.68 -22.44 -11.55
C SER B 110 2.99 -23.53 -12.36
N ALA B 111 1.77 -23.23 -12.84
CA ALA B 111 1.06 -24.05 -13.82
C ALA B 111 1.48 -23.69 -15.25
N PHE B 112 2.25 -22.61 -15.37
CA PHE B 112 2.67 -22.06 -16.65
C PHE B 112 1.49 -21.89 -17.58
N ALA B 113 0.35 -21.44 -17.06
CA ALA B 113 -0.62 -20.82 -17.95
C ALA B 113 0.00 -19.51 -18.42
N TYR B 114 -0.09 -19.23 -19.72
CA TYR B 114 0.35 -17.93 -20.19
C TYR B 114 -0.68 -17.35 -21.14
N TRP B 115 -1.06 -16.11 -20.82
CA TRP B 115 -2.17 -15.41 -21.46
C TRP B 115 -1.62 -14.55 -22.59
N VAL B 116 -1.91 -14.98 -23.81
CA VAL B 116 -1.29 -14.47 -25.02
C VAL B 116 -2.40 -13.93 -25.92
N PRO B 117 -2.65 -12.60 -25.93
CA PRO B 117 -3.74 -12.04 -26.73
C PRO B 117 -3.49 -12.32 -28.21
N ASN B 118 -4.58 -12.55 -28.96
CA ASN B 118 -4.48 -12.69 -30.41
C ASN B 118 -3.46 -13.78 -30.79
N ASN B 119 -3.46 -14.91 -30.06
CA ASN B 119 -2.48 -15.95 -30.29
C ASN B 119 -2.83 -16.74 -31.56
N VAL B 120 -1.87 -17.52 -32.03
CA VAL B 120 -2.01 -18.25 -33.28
C VAL B 120 -3.13 -19.27 -33.18
N PRO B 121 -3.22 -20.09 -32.10
CA PRO B 121 -4.36 -21.01 -31.94
C PRO B 121 -5.74 -20.35 -32.04
N MET B 122 -5.90 -19.15 -31.45
CA MET B 122 -7.15 -18.40 -31.50
C MET B 122 -7.46 -18.04 -32.95
N ARG B 123 -6.46 -17.48 -33.64
CA ARG B 123 -6.66 -17.07 -35.02
C ARG B 123 -7.01 -18.31 -35.87
N ALA B 124 -6.28 -19.40 -35.64
CA ALA B 124 -6.55 -20.63 -36.39
C ALA B 124 -7.97 -21.14 -36.10
N ALA B 125 -8.49 -20.91 -34.90
CA ALA B 125 -9.81 -21.40 -34.54
C ALA B 125 -10.89 -20.40 -34.95
N GLY B 126 -10.52 -19.24 -35.52
CA GLY B 126 -11.50 -18.22 -35.85
C GLY B 126 -12.07 -17.47 -34.62
N ILE B 127 -11.29 -17.39 -33.53
CA ILE B 127 -11.66 -16.55 -32.40
C ILE B 127 -10.97 -15.19 -32.54
N ALA B 128 -11.73 -14.11 -32.74
CA ALA B 128 -11.19 -12.77 -32.93
C ALA B 128 -10.73 -12.20 -31.57
N ASP B 129 -9.68 -11.37 -31.62
CA ASP B 129 -9.19 -10.61 -30.47
C ASP B 129 -8.81 -9.20 -30.94
N PRO B 130 -9.81 -8.32 -31.22
CA PRO B 130 -9.52 -6.99 -31.74
C PRO B 130 -8.74 -6.17 -30.71
N LYS B 131 -7.70 -5.49 -31.20
CA LYS B 131 -6.80 -4.71 -30.35
C LYS B 131 -7.55 -3.65 -29.53
N PRO B 132 -8.45 -2.80 -30.12
CA PRO B 132 -9.05 -1.73 -29.32
C PRO B 132 -9.84 -2.28 -28.13
N ASP B 133 -10.44 -3.47 -28.28
CA ASP B 133 -11.26 -4.10 -27.24
C ASP B 133 -10.37 -4.78 -26.19
N PHE B 134 -9.22 -5.32 -26.64
CA PHE B 134 -8.25 -5.85 -25.70
C PHE B 134 -7.85 -4.72 -24.75
N LEU B 135 -7.54 -3.55 -25.32
CA LEU B 135 -7.08 -2.43 -24.49
C LEU B 135 -8.18 -1.98 -23.53
N LYS B 136 -9.46 -1.99 -23.98
CA LYS B 136 -10.53 -1.56 -23.09
C LYS B 136 -10.71 -2.55 -21.94
N TYR B 137 -10.56 -3.85 -22.21
CA TYR B 137 -10.65 -4.85 -21.13
C TYR B 137 -9.59 -4.58 -20.07
N VAL B 138 -8.32 -4.49 -20.48
CA VAL B 138 -7.26 -4.36 -19.50
C VAL B 138 -7.34 -2.99 -18.82
N ALA B 139 -7.78 -1.97 -19.55
CA ALA B 139 -7.87 -0.66 -18.95
C ALA B 139 -8.94 -0.62 -17.86
N ARG B 140 -10.12 -1.17 -18.18
CA ARG B 140 -11.26 -1.20 -17.27
C ARG B 140 -10.89 -1.92 -15.96
N VAL B 141 -10.14 -3.02 -16.07
CA VAL B 141 -9.77 -3.81 -14.90
C VAL B 141 -8.64 -3.15 -14.09
N THR B 142 -7.68 -2.51 -14.79
CA THR B 142 -6.44 -2.06 -14.20
C THR B 142 -6.60 -0.74 -13.44
N ARG B 143 -7.31 0.22 -14.03
CA ARG B 143 -7.48 1.55 -13.44
C ARG B 143 -8.97 1.87 -13.37
N PRO B 144 -9.76 1.12 -12.56
CA PRO B 144 -11.22 1.28 -12.56
C PRO B 144 -11.70 2.71 -12.38
N GLN B 145 -11.04 3.48 -11.50
CA GLN B 145 -11.57 4.81 -11.16
C GLN B 145 -11.46 5.73 -12.38
N PHE B 146 -10.48 5.46 -13.25
CA PHE B 146 -10.11 6.43 -14.26
C PHE B 146 -10.45 5.91 -15.66
N TYR B 147 -10.90 4.64 -15.75
CA TYR B 147 -11.20 4.04 -17.04
C TYR B 147 -12.28 4.88 -17.73
N ASP B 148 -12.04 5.20 -19.00
CA ASP B 148 -13.01 6.00 -19.74
C ASP B 148 -12.85 5.69 -21.22
N PRO B 149 -13.86 5.10 -21.88
CA PRO B 149 -13.71 4.66 -23.27
C PRO B 149 -13.53 5.84 -24.24
N GLU B 150 -13.82 7.07 -23.77
CA GLU B 150 -13.72 8.22 -24.65
C GLU B 150 -12.36 8.90 -24.50
N HIS B 151 -11.58 8.51 -23.49
CA HIS B 151 -10.29 9.11 -23.23
C HIS B 151 -9.24 8.54 -24.18
N PRO B 152 -8.30 9.35 -24.72
CA PRO B 152 -7.36 8.85 -25.73
C PRO B 152 -6.49 7.68 -25.31
N THR B 153 -6.19 7.56 -24.00
CA THR B 153 -5.50 6.36 -23.54
C THR B 153 -6.40 5.56 -22.58
N LEU B 154 -7.73 5.71 -22.74
CA LEU B 154 -8.72 4.95 -21.98
C LEU B 154 -8.66 5.26 -20.48
N GLY B 155 -7.99 6.37 -20.15
CA GLY B 155 -7.84 6.79 -18.76
C GLY B 155 -6.57 6.22 -18.13
N LEU B 156 -5.82 5.39 -18.87
CA LEU B 156 -4.53 4.93 -18.37
C LEU B 156 -3.51 6.06 -18.55
N THR B 157 -2.37 6.01 -17.85
CA THR B 157 -1.28 6.90 -18.19
C THR B 157 -0.71 6.46 -19.53
N GLN B 158 0.11 7.32 -20.17
CA GLN B 158 0.66 6.98 -21.47
C GLN B 158 1.49 5.71 -21.34
N TRP B 159 2.24 5.62 -20.24
CA TRP B 159 3.12 4.48 -19.99
C TRP B 159 2.32 3.19 -19.88
N GLU B 160 1.25 3.19 -19.08
CA GLU B 160 0.46 1.98 -18.90
C GLU B 160 -0.15 1.55 -20.23
N TYR B 161 -0.66 2.53 -20.99
CA TYR B 161 -1.28 2.26 -22.28
C TYR B 161 -0.27 1.62 -23.24
N ASP B 162 0.93 2.21 -23.32
CA ASP B 162 1.96 1.71 -24.22
C ASP B 162 2.40 0.30 -23.80
N MET B 163 2.53 0.07 -22.48
CA MET B 163 2.90 -1.26 -22.02
C MET B 163 1.80 -2.25 -22.39
N CYS B 164 0.50 -1.89 -22.24
CA CYS B 164 -0.54 -2.85 -22.57
C CYS B 164 -0.56 -3.15 -24.06
N GLU B 165 -0.31 -2.11 -24.85
CA GLU B 165 -0.21 -2.28 -26.30
C GLU B 165 0.95 -3.21 -26.69
N ALA B 166 2.08 -3.07 -25.99
CA ALA B 166 3.26 -3.90 -26.27
C ALA B 166 2.95 -5.36 -25.99
N ILE B 167 2.16 -5.63 -24.94
CA ILE B 167 1.77 -7.00 -24.58
C ILE B 167 0.97 -7.60 -25.74
N TYR B 168 0.00 -6.83 -26.25
CA TYR B 168 -0.83 -7.34 -27.34
C TYR B 168 0.05 -7.57 -28.57
N ASP B 169 0.93 -6.64 -28.87
CA ASP B 169 1.72 -6.74 -30.09
C ASP B 169 2.72 -7.89 -30.03
N SER B 170 3.30 -8.17 -28.85
CA SER B 170 4.54 -8.95 -28.79
C SER B 170 4.39 -10.34 -28.15
N ALA B 171 3.32 -10.56 -27.38
CA ALA B 171 3.24 -11.87 -26.72
C ALA B 171 3.17 -13.01 -27.73
N SER B 172 2.35 -12.87 -28.79
CA SER B 172 2.15 -13.97 -29.71
C SER B 172 3.45 -14.28 -30.47
N PRO B 173 4.12 -13.29 -31.10
CA PRO B 173 5.38 -13.60 -31.79
C PRO B 173 6.41 -14.20 -30.83
N ALA B 174 6.42 -13.79 -29.57
CA ALA B 174 7.33 -14.38 -28.59
C ALA B 174 7.00 -15.86 -28.40
N ALA B 175 5.70 -16.15 -28.22
CA ALA B 175 5.26 -17.52 -27.97
C ALA B 175 5.60 -18.40 -29.18
N GLU B 176 5.37 -17.85 -30.39
CA GLU B 176 5.59 -18.57 -31.63
C GLU B 176 7.06 -18.95 -31.80
N LEU B 177 7.96 -18.00 -31.53
CA LEU B 177 9.38 -18.26 -31.74
C LEU B 177 9.90 -19.29 -30.75
N LEU B 178 9.50 -19.17 -29.48
CA LEU B 178 9.92 -20.12 -28.47
C LEU B 178 9.44 -21.53 -28.81
N ALA B 179 8.23 -21.64 -29.37
CA ALA B 179 7.68 -22.93 -29.79
C ALA B 179 8.40 -23.44 -31.04
N GLN B 180 8.59 -22.57 -32.05
CA GLN B 180 9.24 -22.97 -33.29
C GLN B 180 10.61 -23.56 -32.99
N LYS B 181 11.34 -22.99 -32.02
CA LYS B 181 12.68 -23.40 -31.68
C LYS B 181 12.69 -24.61 -30.75
N GLY B 182 11.51 -25.07 -30.33
CA GLY B 182 11.41 -26.21 -29.42
C GLY B 182 11.73 -25.86 -27.97
N ALA B 183 11.81 -24.56 -27.64
CA ALA B 183 12.16 -24.18 -26.27
C ALA B 183 10.93 -24.20 -25.38
N LEU B 184 9.79 -23.81 -25.94
CA LEU B 184 8.53 -23.80 -25.19
C LEU B 184 7.40 -24.27 -26.11
N PRO B 185 7.36 -25.56 -26.49
CA PRO B 185 6.20 -26.09 -27.21
C PRO B 185 4.99 -25.96 -26.31
N TYR B 186 3.83 -25.65 -26.92
CA TYR B 186 2.63 -25.36 -26.14
C TYR B 186 1.44 -26.15 -26.69
N ARG B 187 0.36 -26.22 -25.91
CA ARG B 187 -0.95 -26.50 -26.48
C ARG B 187 -1.88 -25.37 -26.09
N HIS B 188 -2.99 -25.25 -26.82
CA HIS B 188 -4.00 -24.24 -26.56
C HIS B 188 -4.85 -24.71 -25.39
N VAL B 189 -5.32 -23.77 -24.56
CA VAL B 189 -6.29 -24.12 -23.51
C VAL B 189 -7.56 -23.34 -23.80
N PRO B 190 -8.38 -23.78 -24.78
CA PRO B 190 -9.49 -22.96 -25.25
C PRO B 190 -10.52 -22.61 -24.19
N PHE B 191 -10.65 -23.44 -23.14
CA PHE B 191 -11.71 -23.22 -22.16
C PHE B 191 -11.31 -22.25 -21.05
N ALA B 192 -10.01 -21.93 -20.92
CA ALA B 192 -9.57 -21.05 -19.84
C ALA B 192 -10.10 -19.64 -20.09
N THR B 193 -10.91 -19.16 -19.14
CA THR B 193 -11.72 -17.96 -19.31
C THR B 193 -11.15 -16.81 -18.47
N ASP B 194 -11.28 -15.58 -18.98
CA ASP B 194 -10.75 -14.40 -18.31
C ASP B 194 -11.45 -14.21 -16.96
N TYR B 195 -10.76 -13.57 -16.02
CA TYR B 195 -11.26 -13.53 -14.65
C TYR B 195 -12.46 -12.58 -14.53
N PHE B 196 -12.57 -11.57 -15.42
CA PHE B 196 -13.70 -10.65 -15.42
C PHE B 196 -14.46 -10.71 -16.74
N SER B 197 -14.70 -11.95 -17.23
CA SER B 197 -15.26 -12.21 -18.55
C SER B 197 -16.61 -11.53 -18.72
N GLU B 198 -17.33 -11.26 -17.62
CA GLU B 198 -18.67 -10.70 -17.71
C GLU B 198 -18.61 -9.24 -18.20
N LEU B 199 -17.46 -8.57 -18.08
CA LEU B 199 -17.38 -7.19 -18.51
C LEU B 199 -17.65 -7.11 -20.01
N PRO B 200 -18.51 -6.18 -20.45
CA PRO B 200 -18.82 -6.06 -21.87
C PRO B 200 -17.58 -5.67 -22.69
N GLU B 201 -16.57 -5.06 -22.05
CA GLU B 201 -15.33 -4.69 -22.72
C GLU B 201 -14.56 -5.93 -23.22
N ASP B 202 -14.74 -7.08 -22.58
CA ASP B 202 -13.99 -8.27 -22.96
C ASP B 202 -14.64 -8.90 -24.19
N LYS B 203 -13.93 -8.84 -25.33
CA LYS B 203 -14.50 -9.34 -26.56
C LYS B 203 -13.87 -10.69 -26.94
N ALA B 204 -12.96 -11.21 -26.10
CA ALA B 204 -12.38 -12.53 -26.30
C ALA B 204 -12.27 -13.19 -24.93
N LYS B 205 -13.46 -13.56 -24.40
CA LYS B 205 -13.60 -13.99 -23.02
C LYS B 205 -12.86 -15.31 -22.74
N SER B 206 -12.72 -16.16 -23.78
CA SER B 206 -11.90 -17.36 -23.69
C SER B 206 -11.01 -17.49 -24.91
N GLY B 207 -9.94 -18.29 -24.83
CA GLY B 207 -9.08 -18.48 -26.00
C GLY B 207 -7.64 -17.95 -25.84
N ARG B 208 -7.39 -17.04 -24.88
CA ARG B 208 -6.09 -16.39 -24.85
C ARG B 208 -4.99 -17.25 -24.21
N VAL B 209 -5.36 -18.35 -23.55
CA VAL B 209 -4.39 -19.07 -22.72
C VAL B 209 -3.70 -20.20 -23.50
N LEU B 210 -2.37 -20.24 -23.35
CA LEU B 210 -1.51 -21.34 -23.78
C LEU B 210 -0.89 -21.99 -22.54
N THR B 211 -0.38 -23.22 -22.70
CA THR B 211 0.24 -23.95 -21.62
C THR B 211 1.28 -24.88 -22.24
N PRO B 212 2.34 -25.31 -21.54
CA PRO B 212 3.32 -26.24 -22.12
C PRO B 212 2.64 -27.49 -22.65
N LYS B 213 3.13 -27.94 -23.80
CA LYS B 213 2.51 -29.03 -24.53
C LYS B 213 2.41 -30.28 -23.67
N ASP B 214 3.48 -30.61 -22.94
CA ASP B 214 3.54 -31.83 -22.17
C ASP B 214 3.14 -31.63 -20.72
N GLY B 215 2.44 -30.52 -20.40
CA GLY B 215 1.90 -30.39 -19.06
C GLY B 215 0.86 -31.47 -18.77
N SER B 216 0.74 -31.89 -17.50
CA SER B 216 -0.26 -32.86 -17.08
C SER B 216 -1.67 -32.35 -17.43
N PRO B 217 -2.71 -33.22 -17.46
CA PRO B 217 -4.08 -32.77 -17.72
C PRO B 217 -4.58 -31.66 -16.78
N SER B 218 -4.21 -31.71 -15.49
CA SER B 218 -4.58 -30.64 -14.57
C SER B 218 -3.77 -29.36 -14.84
N MET B 219 -2.61 -29.51 -15.49
CA MET B 219 -1.70 -28.43 -15.86
C MET B 219 -0.84 -27.97 -14.68
N ALA B 220 -1.00 -28.64 -13.52
CA ALA B 220 -0.38 -28.18 -12.28
C ALA B 220 1.15 -28.23 -12.34
N ASN B 221 1.73 -29.08 -13.19
CA ASN B 221 3.19 -29.19 -13.30
C ASN B 221 3.71 -28.42 -14.51
N GLY B 222 2.86 -27.58 -15.12
CA GLY B 222 3.26 -26.81 -16.30
C GLY B 222 4.59 -26.09 -16.11
N GLY B 223 4.80 -25.48 -14.93
CA GLY B 223 6.01 -24.73 -14.68
C GLY B 223 7.28 -25.59 -14.76
N GLN B 224 7.19 -26.80 -14.23
CA GLN B 224 8.31 -27.73 -14.23
C GLN B 224 8.63 -28.15 -15.66
N VAL B 225 7.58 -28.41 -16.43
CA VAL B 225 7.76 -28.78 -17.82
C VAL B 225 8.41 -27.62 -18.59
N ALA B 226 7.91 -26.40 -18.39
CA ALA B 226 8.44 -25.22 -19.07
C ALA B 226 9.92 -24.99 -18.73
N ILE B 227 10.30 -25.12 -17.45
CA ILE B 227 11.70 -24.88 -17.09
C ILE B 227 12.59 -25.96 -17.74
N ARG B 228 12.07 -27.20 -17.80
CA ARG B 228 12.78 -28.28 -18.47
C ARG B 228 12.95 -27.97 -19.97
N THR B 229 11.86 -27.63 -20.69
CA THR B 229 12.02 -27.42 -22.13
C THR B 229 12.87 -26.18 -22.39
N LEU B 230 12.69 -25.12 -21.59
CA LEU B 230 13.42 -23.88 -21.81
C LEU B 230 14.91 -24.11 -21.55
N SER B 231 15.23 -24.74 -20.42
CA SER B 231 16.64 -24.87 -20.05
C SER B 231 17.35 -25.91 -20.94
N THR B 232 16.62 -26.94 -21.40
CA THR B 232 17.20 -27.89 -22.34
C THR B 232 17.58 -27.19 -23.65
N ALA B 233 16.66 -26.37 -24.19
CA ALA B 233 16.97 -25.63 -25.40
C ALA B 233 18.12 -24.66 -25.16
N ALA B 234 18.18 -24.05 -23.98
CA ALA B 234 19.23 -23.08 -23.69
C ALA B 234 20.59 -23.77 -23.75
N ARG B 235 20.67 -24.97 -23.14
CA ARG B 235 21.91 -25.74 -23.14
C ARG B 235 22.26 -26.18 -24.55
N ARG B 236 21.27 -26.70 -25.27
CA ARG B 236 21.42 -27.14 -26.65
C ARG B 236 22.04 -26.01 -27.48
N ASP B 237 21.65 -24.77 -27.20
CA ASP B 237 22.01 -23.67 -28.07
C ASP B 237 23.20 -22.87 -27.53
N GLY B 238 23.87 -23.40 -26.48
CA GLY B 238 25.16 -22.90 -26.03
C GLY B 238 25.08 -21.71 -25.07
N ILE B 239 23.96 -21.55 -24.36
CA ILE B 239 23.90 -20.58 -23.28
C ILE B 239 24.62 -21.17 -22.07
N ALA B 240 25.49 -20.38 -21.43
CA ALA B 240 26.20 -20.80 -20.22
C ALA B 240 25.32 -20.56 -18.99
N PHE B 241 25.46 -21.44 -17.98
CA PHE B 241 24.72 -21.33 -16.73
C PHE B 241 25.70 -21.34 -15.56
N LYS B 242 25.48 -20.44 -14.60
CA LYS B 242 26.18 -20.43 -13.33
C LYS B 242 25.15 -20.38 -12.20
N THR B 243 25.05 -21.46 -11.41
CA THR B 243 24.24 -21.46 -10.20
C THR B 243 25.08 -20.99 -9.02
N GLY B 244 24.39 -20.68 -7.92
CA GLY B 244 25.05 -20.22 -6.70
C GLY B 244 25.79 -18.90 -6.92
N HIS B 245 25.27 -18.08 -7.85
CA HIS B 245 25.85 -16.79 -8.19
C HIS B 245 24.81 -15.71 -7.87
N ARG B 246 25.02 -15.02 -6.75
CA ARG B 246 24.06 -14.04 -6.31
C ARG B 246 24.53 -12.66 -6.78
N VAL B 247 23.89 -12.14 -7.84
CA VAL B 247 24.33 -10.86 -8.33
C VAL B 247 24.04 -9.83 -7.23
N GLN B 248 25.01 -8.91 -7.00
CA GLN B 248 24.82 -7.92 -5.95
C GLN B 248 25.24 -6.52 -6.40
N ARG B 249 25.75 -6.36 -7.63
CA ARG B 249 26.14 -5.03 -8.05
C ARG B 249 26.18 -4.98 -9.59
N VAL B 250 25.80 -3.82 -10.14
CA VAL B 250 25.97 -3.52 -11.56
C VAL B 250 27.21 -2.66 -11.70
N ILE B 251 28.16 -3.05 -12.55
CA ILE B 251 29.37 -2.26 -12.73
C ILE B 251 29.14 -1.27 -13.87
N LEU B 252 29.50 0.00 -13.66
CA LEU B 252 29.33 1.06 -14.65
C LEU B 252 30.68 1.46 -15.22
N ASN B 253 30.68 1.94 -16.48
CA ASN B 253 31.87 2.61 -17.00
C ASN B 253 31.80 4.08 -16.56
N SER B 254 32.77 4.88 -17.05
N SER B 254 32.78 4.87 -17.03
CA SER B 254 32.88 6.29 -16.73
CA SER B 254 32.87 6.28 -16.69
C SER B 254 31.71 7.09 -17.29
C SER B 254 31.68 7.07 -17.25
N LYS B 255 31.01 6.54 -18.30
CA LYS B 255 29.88 7.24 -18.88
C LYS B 255 28.57 6.83 -18.20
N GLY B 256 28.66 6.02 -17.14
CA GLY B 256 27.48 5.58 -16.41
C GLY B 256 26.67 4.50 -17.13
N GLU B 257 27.31 3.74 -18.03
CA GLU B 257 26.65 2.64 -18.71
C GLU B 257 26.95 1.33 -17.99
N ALA B 258 26.03 0.39 -18.01
CA ALA B 258 26.20 -0.91 -17.37
C ALA B 258 27.17 -1.74 -18.20
N ILE B 259 28.28 -2.21 -17.60
CA ILE B 259 29.27 -2.98 -18.36
C ILE B 259 29.47 -4.34 -17.73
N GLY B 260 28.74 -4.67 -16.67
CA GLY B 260 28.83 -6.01 -16.10
C GLY B 260 28.27 -6.06 -14.69
N ILE B 261 28.53 -7.17 -13.99
CA ILE B 261 27.98 -7.41 -12.66
C ILE B 261 29.09 -7.92 -11.75
N GLU B 262 28.81 -7.84 -10.46
CA GLU B 262 29.54 -8.59 -9.45
C GLU B 262 28.54 -9.53 -8.79
N ALA B 263 28.94 -10.79 -8.60
CA ALA B 263 28.12 -11.79 -7.95
C ALA B 263 28.88 -12.44 -6.78
N LEU B 264 28.13 -12.71 -5.70
CA LEU B 264 28.65 -13.45 -4.57
C LEU B 264 28.40 -14.94 -4.82
N LYS B 265 29.47 -15.75 -4.70
CA LYS B 265 29.38 -17.19 -4.81
C LYS B 265 29.08 -17.84 -3.45
N ASP B 266 28.75 -19.14 -3.48
CA ASP B 266 28.37 -19.87 -2.28
C ASP B 266 29.48 -19.80 -1.24
N ASP B 267 30.73 -19.98 -1.70
CA ASP B 267 31.92 -20.01 -0.85
C ASP B 267 32.34 -18.60 -0.42
N ASN B 268 31.53 -17.59 -0.79
CA ASN B 268 31.70 -16.22 -0.34
C ASN B 268 32.74 -15.46 -1.15
N SER B 269 33.34 -16.08 -2.17
CA SER B 269 34.15 -15.33 -3.11
C SER B 269 33.24 -14.50 -4.02
N VAL B 270 33.77 -13.39 -4.54
CA VAL B 270 33.05 -12.50 -5.43
C VAL B 270 33.64 -12.65 -6.82
N VAL B 271 32.79 -12.62 -7.85
CA VAL B 271 33.23 -12.73 -9.23
C VAL B 271 32.66 -11.52 -9.99
N ARG B 272 33.48 -10.94 -10.87
CA ARG B 272 33.03 -9.88 -11.76
C ARG B 272 32.95 -10.45 -13.17
N ILE B 273 31.82 -10.19 -13.86
CA ILE B 273 31.56 -10.70 -15.19
C ILE B 273 31.15 -9.53 -16.08
N ARG B 274 31.84 -9.37 -17.21
CA ARG B 274 31.61 -8.26 -18.12
C ARG B 274 30.48 -8.60 -19.06
N ALA B 275 29.63 -7.59 -19.35
CA ALA B 275 28.61 -7.70 -20.38
C ALA B 275 28.94 -6.68 -21.46
N ARG B 276 29.18 -7.15 -22.70
CA ARG B 276 29.56 -6.25 -23.76
C ARG B 276 28.37 -5.37 -24.19
N LYS B 277 27.15 -5.94 -24.15
CA LYS B 277 26.01 -5.25 -24.74
C LYS B 277 24.94 -4.94 -23.70
N ALA B 278 24.69 -5.87 -22.76
CA ALA B 278 23.55 -5.70 -21.87
C ALA B 278 23.62 -6.64 -20.68
N VAL B 279 23.14 -6.11 -19.55
CA VAL B 279 22.74 -6.91 -18.40
C VAL B 279 21.22 -6.89 -18.34
N ILE B 280 20.61 -8.08 -18.39
CA ILE B 280 19.16 -8.17 -18.30
C ILE B 280 18.80 -8.86 -16.99
N PHE B 281 18.13 -8.11 -16.09
CA PHE B 281 17.60 -8.69 -14.85
C PHE B 281 16.27 -9.40 -15.06
N GLY B 282 16.24 -10.64 -14.57
CA GLY B 282 15.02 -11.45 -14.50
C GLY B 282 14.93 -12.08 -13.11
N SER B 283 15.12 -11.25 -12.08
CA SER B 283 15.50 -11.75 -10.76
C SER B 283 14.29 -11.94 -9.83
N GLY B 284 13.06 -11.77 -10.34
CA GLY B 284 11.85 -12.02 -9.57
C GLY B 284 11.58 -10.91 -8.56
N GLY B 285 10.65 -11.16 -7.62
CA GLY B 285 10.12 -10.13 -6.75
C GLY B 285 10.78 -10.09 -5.37
N PHE B 286 10.06 -9.56 -4.37
CA PHE B 286 10.67 -9.36 -3.06
C PHE B 286 9.77 -9.92 -1.95
N THR B 287 8.91 -10.87 -2.31
CA THR B 287 8.02 -11.47 -1.32
C THR B 287 8.81 -11.93 -0.10
N HIS B 288 10.01 -12.48 -0.30
CA HIS B 288 10.68 -13.13 0.82
C HIS B 288 11.77 -12.25 1.42
N ASP B 289 11.76 -10.93 1.15
CA ASP B 289 12.42 -10.00 2.06
C ASP B 289 11.35 -9.35 2.93
N PRO B 290 11.18 -9.79 4.20
CA PRO B 290 10.05 -9.35 5.03
C PRO B 290 10.03 -7.83 5.19
N GLU B 291 11.22 -7.23 5.30
CA GLU B 291 11.35 -5.79 5.47
C GLU B 291 10.79 -5.07 4.23
N LEU B 292 11.23 -5.45 3.03
CA LEU B 292 10.77 -4.80 1.81
C LEU B 292 9.27 -5.06 1.64
N ARG B 293 8.86 -6.31 1.80
CA ARG B 293 7.44 -6.67 1.67
C ARG B 293 6.56 -5.80 2.57
N SER B 294 6.98 -5.67 3.82
CA SER B 294 6.19 -4.99 4.84
C SER B 294 6.16 -3.48 4.58
N ASN B 295 7.25 -2.93 4.04
CA ASN B 295 7.40 -1.48 3.86
C ASN B 295 6.82 -0.97 2.54
N PHE B 296 6.58 -1.87 1.57
CA PHE B 296 6.09 -1.37 0.28
C PHE B 296 4.66 -1.81 -0.07
N LEU B 297 4.26 -3.04 0.26
CA LEU B 297 2.98 -3.55 -0.26
C LEU B 297 1.78 -2.87 0.40
N ASN B 298 0.66 -2.81 -0.35
CA ASN B 298 -0.56 -2.16 0.13
C ASN B 298 -1.26 -2.98 1.21
N VAL B 299 -0.88 -4.27 1.39
CA VAL B 299 -1.48 -5.12 2.43
C VAL B 299 -0.37 -5.88 3.16
N PRO B 300 -0.52 -6.16 4.48
CA PRO B 300 0.53 -6.87 5.24
C PRO B 300 0.49 -8.39 5.10
N VAL B 301 0.84 -8.89 3.91
CA VAL B 301 0.79 -10.31 3.59
C VAL B 301 1.83 -11.08 4.42
N TYR B 302 1.55 -12.37 4.63
CA TYR B 302 2.36 -13.24 5.47
C TYR B 302 3.50 -13.93 4.71
N GLY B 303 3.56 -13.73 3.41
CA GLY B 303 4.51 -14.45 2.58
C GLY B 303 3.85 -14.71 1.22
N GLY B 304 4.25 -15.81 0.59
CA GLY B 304 3.67 -16.13 -0.70
C GLY B 304 4.38 -17.31 -1.31
N CYS B 305 3.89 -17.76 -2.49
CA CYS B 305 4.38 -18.98 -3.12
C CYS B 305 5.64 -18.72 -3.95
N ALA B 306 6.07 -17.46 -4.03
CA ALA B 306 7.34 -17.08 -4.63
C ALA B 306 8.48 -17.94 -4.09
N ALA B 307 9.49 -18.18 -4.95
CA ALA B 307 10.72 -18.86 -4.54
C ALA B 307 11.36 -18.08 -3.39
N PHE B 308 11.90 -18.82 -2.41
CA PHE B 308 12.43 -18.18 -1.21
C PHE B 308 13.66 -17.29 -1.52
N THR B 309 14.29 -17.49 -2.68
CA THR B 309 15.45 -16.69 -3.03
C THR B 309 15.06 -15.34 -3.63
N ASN B 310 13.75 -15.07 -3.71
CA ASN B 310 13.25 -13.82 -4.25
C ASN B 310 13.17 -12.80 -3.12
N GLU B 311 14.26 -12.04 -2.94
CA GLU B 311 14.42 -11.20 -1.76
C GLU B 311 14.63 -9.74 -2.19
N GLY B 312 14.30 -9.40 -3.43
CA GLY B 312 14.32 -8.01 -3.88
C GLY B 312 15.74 -7.47 -4.05
N ASP B 313 16.70 -8.36 -4.39
CA ASP B 313 18.09 -7.89 -4.59
C ASP B 313 18.15 -6.71 -5.56
N LEU B 314 17.28 -6.66 -6.58
CA LEU B 314 17.40 -5.63 -7.61
C LEU B 314 17.12 -4.25 -7.01
N VAL B 315 16.31 -4.21 -5.96
CA VAL B 315 15.97 -2.95 -5.29
C VAL B 315 17.23 -2.38 -4.64
N ARG B 316 18.05 -3.25 -4.03
CA ARG B 316 19.31 -2.79 -3.45
C ARG B 316 20.33 -2.51 -4.56
N ILE B 317 20.36 -3.36 -5.59
CA ILE B 317 21.29 -3.17 -6.69
C ILE B 317 21.10 -1.79 -7.32
N THR B 318 19.85 -1.32 -7.44
CA THR B 318 19.57 -0.11 -8.20
C THR B 318 19.53 1.11 -7.29
N SER B 319 19.73 0.92 -5.97
CA SER B 319 19.53 2.03 -5.03
C SER B 319 20.55 3.15 -5.26
N SER B 320 21.67 2.85 -5.92
CA SER B 320 22.61 3.91 -6.18
C SER B 320 22.64 4.26 -7.67
N LEU B 321 21.69 3.73 -8.47
CA LEU B 321 21.75 3.91 -9.91
C LEU B 321 20.73 4.95 -10.39
N GLY B 322 19.90 5.50 -9.51
CA GLY B 322 18.99 6.56 -9.90
C GLY B 322 17.80 6.06 -10.73
N VAL B 323 17.13 5.00 -10.27
CA VAL B 323 15.98 4.47 -11.01
C VAL B 323 14.68 5.04 -10.44
N GLN B 324 13.55 4.72 -11.10
CA GLN B 324 12.22 5.05 -10.58
C GLN B 324 11.53 3.76 -10.14
N LEU B 325 11.45 3.51 -8.83
CA LEU B 325 10.73 2.33 -8.37
C LEU B 325 9.23 2.58 -8.54
N ARG B 326 8.55 1.68 -9.29
CA ARG B 326 7.16 1.88 -9.64
C ARG B 326 6.34 0.64 -9.31
N ASN B 327 5.04 0.85 -9.04
CA ASN B 327 4.10 -0.23 -8.70
C ASN B 327 4.58 -1.02 -7.46
N MET B 328 5.39 -0.38 -6.60
CA MET B 328 5.95 -1.06 -5.43
C MET B 328 4.85 -1.42 -4.43
N ASN B 329 3.70 -0.74 -4.51
CA ASN B 329 2.60 -0.95 -3.60
C ASN B 329 1.79 -2.20 -3.96
N HIS B 330 2.08 -2.88 -5.08
CA HIS B 330 1.23 -4.00 -5.47
C HIS B 330 1.96 -5.33 -5.62
N ALA B 331 1.26 -6.42 -5.26
CA ALA B 331 1.69 -7.78 -5.51
C ALA B 331 0.57 -8.51 -6.26
N TRP B 332 0.93 -9.62 -6.92
CA TRP B 332 -0.06 -10.60 -7.31
C TRP B 332 -0.53 -11.26 -6.01
N LEU B 333 -1.82 -11.14 -5.65
CA LEU B 333 -2.29 -11.56 -4.34
C LEU B 333 -3.05 -12.88 -4.42
N CYS B 334 -3.03 -13.64 -3.30
CA CYS B 334 -3.86 -14.83 -3.21
C CYS B 334 -3.98 -15.22 -1.73
N PRO B 335 -5.12 -15.85 -1.33
CA PRO B 335 -5.20 -16.46 -0.02
C PRO B 335 -4.14 -17.55 -0.01
N VAL B 336 -3.69 -17.93 1.19
CA VAL B 336 -2.77 -19.04 1.39
C VAL B 336 -3.25 -19.85 2.58
N THR B 337 -2.87 -21.13 2.58
CA THR B 337 -3.00 -21.96 3.76
C THR B 337 -2.05 -21.37 4.81
N PHE B 338 -2.64 -20.72 5.83
CA PHE B 338 -1.91 -19.83 6.71
C PHE B 338 -0.71 -20.55 7.33
N GLU B 339 -0.92 -21.79 7.80
CA GLU B 339 0.13 -22.49 8.53
C GLU B 339 1.33 -22.82 7.63
N LYS B 340 1.09 -22.98 6.31
CA LYS B 340 2.16 -23.22 5.38
C LYS B 340 2.95 -21.93 5.12
N ALA B 341 2.29 -20.77 5.18
CA ALA B 341 3.06 -19.53 5.03
C ALA B 341 3.95 -19.32 6.26
N ILE B 342 3.39 -19.45 7.45
CA ILE B 342 4.15 -19.21 8.67
C ILE B 342 5.30 -20.21 8.76
N GLY B 343 5.04 -21.46 8.35
CA GLY B 343 6.01 -22.53 8.46
C GLY B 343 7.00 -22.58 7.30
N ARG B 344 6.87 -21.66 6.34
CA ARG B 344 7.79 -21.58 5.19
C ARG B 344 7.87 -22.92 4.47
N ASP B 345 6.71 -23.47 4.13
CA ASP B 345 6.61 -24.65 3.28
C ASP B 345 6.91 -24.22 1.84
N GLY B 346 8.04 -24.67 1.29
CA GLY B 346 8.47 -24.22 -0.02
C GLY B 346 7.67 -24.85 -1.16
N SER B 347 6.92 -25.91 -0.86
CA SER B 347 6.07 -26.50 -1.88
C SER B 347 4.69 -25.82 -1.90
N MET B 348 4.47 -24.84 -1.03
CA MET B 348 3.17 -24.18 -0.90
C MET B 348 2.77 -23.50 -2.22
N SER B 349 1.50 -23.62 -2.56
CA SER B 349 0.91 -22.82 -3.65
C SER B 349 -0.08 -21.84 -3.03
N GLY B 350 -0.26 -20.69 -3.70
CA GLY B 350 -1.41 -19.86 -3.40
C GLY B 350 -2.71 -20.64 -3.58
N MET B 351 -3.76 -20.22 -2.86
CA MET B 351 -5.04 -20.90 -2.90
C MET B 351 -5.87 -20.38 -4.09
N PHE B 352 -5.56 -20.88 -5.28
CA PHE B 352 -6.15 -20.32 -6.50
C PHE B 352 -7.56 -20.85 -6.70
N SER B 353 -7.82 -22.09 -6.22
CA SER B 353 -9.16 -22.63 -6.14
C SER B 353 -9.44 -22.97 -4.68
N VAL B 354 -10.47 -22.34 -4.11
CA VAL B 354 -10.89 -22.66 -2.77
C VAL B 354 -11.80 -23.89 -2.81
N ALA B 355 -11.29 -25.01 -2.30
CA ALA B 355 -11.93 -26.32 -2.48
C ALA B 355 -13.19 -26.44 -1.60
N GLY B 356 -14.17 -27.20 -2.11
CA GLY B 356 -15.32 -27.67 -1.34
C GLY B 356 -16.58 -26.93 -1.74
N ASP B 357 -17.70 -27.66 -1.88
CA ASP B 357 -18.98 -27.00 -2.07
C ASP B 357 -19.78 -27.02 -0.77
N SER B 358 -19.63 -28.11 0.01
CA SER B 358 -20.17 -28.13 1.37
C SER B 358 -19.09 -27.60 2.33
N MET B 359 -18.85 -26.29 2.27
CA MET B 359 -17.68 -25.64 2.85
C MET B 359 -18.04 -24.16 2.93
N ILE B 360 -17.71 -23.52 4.06
CA ILE B 360 -17.87 -22.07 4.16
C ILE B 360 -16.59 -21.52 4.79
N PHE B 361 -16.36 -20.22 4.61
CA PHE B 361 -15.37 -19.51 5.41
C PHE B 361 -16.14 -18.74 6.48
N VAL B 362 -15.64 -18.80 7.73
CA VAL B 362 -16.18 -17.94 8.78
C VAL B 362 -15.04 -17.13 9.38
N ASP B 363 -15.41 -15.94 9.90
CA ASP B 363 -14.50 -15.17 10.75
C ASP B 363 -14.53 -15.74 12.17
N LYS B 364 -13.77 -15.09 13.07
CA LYS B 364 -13.61 -15.52 14.45
C LYS B 364 -14.92 -15.36 15.23
N ARG B 365 -15.96 -14.75 14.63
CA ARG B 365 -17.28 -14.67 15.25
C ARG B 365 -18.18 -15.85 14.81
N GLY B 366 -17.74 -16.63 13.81
CA GLY B 366 -18.51 -17.75 13.33
C GLY B 366 -19.53 -17.35 12.25
N LYS B 367 -19.26 -16.21 11.58
CA LYS B 367 -20.11 -15.68 10.54
C LYS B 367 -19.38 -15.64 9.19
N ARG B 368 -20.12 -15.87 8.11
CA ARG B 368 -19.57 -15.69 6.78
C ARG B 368 -19.39 -14.20 6.54
N VAL B 369 -18.36 -13.83 5.78
CA VAL B 369 -18.04 -12.43 5.57
C VAL B 369 -17.77 -12.17 4.10
N VAL B 370 -17.71 -13.22 3.28
CA VAL B 370 -17.24 -13.07 1.91
C VAL B 370 -17.68 -14.26 1.07
N ASN B 371 -17.76 -14.02 -0.25
CA ASN B 371 -17.90 -15.08 -1.22
C ASN B 371 -16.59 -15.89 -1.31
N GLU B 372 -16.62 -17.14 -0.83
CA GLU B 372 -15.42 -17.95 -0.73
C GLU B 372 -14.87 -18.34 -2.11
N LYS B 373 -15.68 -18.14 -3.16
CA LYS B 373 -15.33 -18.54 -4.52
C LYS B 373 -14.85 -17.34 -5.35
N LEU B 374 -14.68 -16.19 -4.70
CA LEU B 374 -14.23 -14.98 -5.38
C LEU B 374 -12.80 -15.16 -5.91
N ASN B 375 -12.49 -14.56 -7.06
CA ASN B 375 -11.15 -14.55 -7.63
C ASN B 375 -10.09 -14.30 -6.55
N TYR B 376 -9.03 -15.12 -6.58
CA TYR B 376 -8.02 -15.14 -5.52
C TYR B 376 -7.38 -13.77 -5.29
N ASN B 377 -7.13 -13.00 -6.36
CA ASN B 377 -6.42 -11.74 -6.22
C ASN B 377 -7.31 -10.72 -5.49
N GLU B 378 -8.62 -10.89 -5.62
CA GLU B 378 -9.58 -10.02 -4.94
C GLU B 378 -9.91 -10.55 -3.54
N LEU B 379 -10.06 -11.88 -3.40
CA LEU B 379 -10.44 -12.49 -2.13
C LEU B 379 -9.39 -12.22 -1.06
N CYS B 380 -8.10 -12.27 -1.46
CA CYS B 380 -7.03 -12.02 -0.50
C CYS B 380 -7.20 -10.68 0.22
N GLN B 381 -7.72 -9.67 -0.50
CA GLN B 381 -7.83 -8.32 0.03
C GLN B 381 -8.85 -8.25 1.19
N LYS B 382 -9.87 -9.12 1.16
CA LYS B 382 -10.86 -9.17 2.21
C LYS B 382 -10.20 -9.44 3.57
N LEU B 383 -9.11 -10.21 3.55
CA LEU B 383 -8.42 -10.63 4.77
C LEU B 383 -7.76 -9.44 5.47
N PHE B 384 -7.64 -8.30 4.77
CA PHE B 384 -6.92 -7.16 5.33
C PHE B 384 -7.84 -5.96 5.57
N GLU B 385 -9.15 -6.17 5.54
CA GLU B 385 -10.08 -5.15 5.99
C GLU B 385 -9.67 -4.67 7.39
N TRP B 386 -9.77 -3.36 7.62
CA TRP B 386 -9.26 -2.76 8.85
C TRP B 386 -10.43 -2.28 9.70
N ASP B 387 -10.44 -2.68 10.99
CA ASP B 387 -11.41 -2.16 11.95
C ASP B 387 -10.68 -1.14 12.85
N GLY B 388 -10.82 0.14 12.49
CA GLY B 388 -10.12 1.21 13.21
C GLY B 388 -10.60 1.35 14.65
N ALA B 389 -11.90 1.08 14.91
CA ALA B 389 -12.47 1.24 16.24
C ALA B 389 -11.84 0.23 17.22
N LYS B 390 -11.60 -0.99 16.75
CA LYS B 390 -11.03 -2.01 17.63
C LYS B 390 -9.53 -2.19 17.41
N VAL B 391 -8.93 -1.44 16.47
CA VAL B 391 -7.51 -1.53 16.17
C VAL B 391 -7.13 -2.98 15.86
N GLU B 392 -7.85 -3.58 14.91
CA GLU B 392 -7.58 -4.95 14.54
C GLU B 392 -8.05 -5.19 13.10
N TYR B 393 -7.50 -6.26 12.54
CA TYR B 393 -7.95 -6.80 11.25
C TYR B 393 -8.97 -7.90 11.54
N PRO B 394 -10.29 -7.65 11.35
CA PRO B 394 -11.31 -8.62 11.75
C PRO B 394 -11.21 -9.96 11.02
N ASN B 395 -10.68 -9.94 9.78
CA ASN B 395 -10.62 -11.12 8.93
C ASN B 395 -9.19 -11.62 8.74
N LEU B 396 -8.29 -11.29 9.68
CA LEU B 396 -6.85 -11.44 9.44
C LEU B 396 -6.53 -12.88 9.05
N VAL B 397 -7.17 -13.82 9.76
N VAL B 397 -7.16 -13.83 9.76
CA VAL B 397 -7.31 -15.17 9.24
CA VAL B 397 -7.32 -15.16 9.21
C VAL B 397 -8.81 -15.50 9.21
C VAL B 397 -8.81 -15.48 9.19
N LEU B 398 -9.23 -16.22 8.17
CA LEU B 398 -10.59 -16.77 8.14
C LEU B 398 -10.45 -18.27 8.31
N ILE B 399 -11.56 -18.91 8.71
CA ILE B 399 -11.54 -20.35 8.93
C ILE B 399 -12.39 -21.02 7.85
N SER B 400 -11.76 -21.86 7.04
CA SER B 400 -12.49 -22.69 6.12
C SER B 400 -12.96 -23.92 6.88
N ILE B 401 -14.27 -24.22 6.80
CA ILE B 401 -14.84 -25.35 7.50
C ILE B 401 -15.56 -26.21 6.46
N TRP B 402 -15.32 -27.53 6.50
CA TRP B 402 -15.93 -28.43 5.54
C TRP B 402 -16.30 -29.75 6.22
N ASP B 403 -17.04 -30.58 5.48
CA ASP B 403 -17.57 -31.83 6.00
C ASP B 403 -16.94 -33.01 5.27
N GLN B 404 -17.37 -34.22 5.61
CA GLN B 404 -16.78 -35.43 5.05
C GLN B 404 -17.01 -35.49 3.53
N ARG B 405 -18.17 -35.05 3.04
CA ARG B 405 -18.43 -35.07 1.60
C ARG B 405 -17.36 -34.27 0.84
N SER B 406 -17.05 -33.04 1.31
CA SER B 406 -16.05 -32.22 0.66
C SER B 406 -14.65 -32.79 0.84
N GLN B 407 -14.39 -33.41 2.00
CA GLN B 407 -13.13 -34.08 2.28
C GLN B 407 -12.88 -35.16 1.24
N ASP B 408 -13.91 -35.98 1.00
CA ASP B 408 -13.82 -37.13 0.10
C ASP B 408 -13.80 -36.70 -1.37
N HIS B 409 -14.51 -35.62 -1.74
CA HIS B 409 -14.78 -35.40 -3.15
C HIS B 409 -14.26 -34.06 -3.67
N SER B 410 -13.67 -33.23 -2.80
CA SER B 410 -13.15 -31.93 -3.23
C SER B 410 -11.66 -31.80 -2.93
N ALA B 411 -11.04 -32.85 -2.37
CA ALA B 411 -9.65 -32.76 -1.97
C ALA B 411 -8.77 -32.67 -3.21
N SER B 412 -7.62 -32.00 -3.11
CA SER B 412 -6.74 -31.83 -4.26
C SER B 412 -5.34 -31.56 -3.75
N ASN B 413 -4.35 -32.08 -4.47
CA ASN B 413 -2.95 -31.76 -4.21
C ASN B 413 -2.55 -30.48 -4.96
N ASP B 414 -3.46 -29.91 -5.75
CA ASP B 414 -3.10 -28.83 -6.66
C ASP B 414 -3.72 -27.50 -6.25
N TYR B 415 -3.09 -26.40 -6.72
CA TYR B 415 -3.70 -25.07 -6.77
C TYR B 415 -4.05 -24.57 -5.37
N GLY B 416 -3.28 -25.02 -4.38
CA GLY B 416 -3.29 -24.43 -3.05
C GLY B 416 -4.50 -24.86 -2.20
N SER B 417 -5.22 -25.90 -2.63
CA SER B 417 -6.40 -26.37 -1.91
C SER B 417 -6.05 -26.67 -0.45
N ALA B 418 -6.89 -26.23 0.49
CA ALA B 418 -6.73 -26.59 1.90
C ALA B 418 -7.19 -28.02 2.16
N ILE B 419 -8.12 -28.52 1.35
CA ILE B 419 -8.65 -29.87 1.48
C ILE B 419 -7.74 -30.80 0.69
N VAL B 420 -7.08 -31.74 1.38
CA VAL B 420 -6.02 -32.50 0.73
C VAL B 420 -6.33 -33.98 0.90
N PRO B 421 -5.95 -34.85 -0.08
CA PRO B 421 -6.36 -36.25 -0.06
C PRO B 421 -5.45 -37.03 0.89
N PRO B 422 -5.82 -38.28 1.27
CA PRO B 422 -5.04 -39.03 2.25
C PRO B 422 -3.60 -39.17 1.77
N GLY B 423 -2.63 -38.91 2.65
CA GLY B 423 -1.24 -39.04 2.24
C GLY B 423 -0.59 -37.68 1.99
N ALA B 424 -1.40 -36.69 1.61
CA ALA B 424 -0.91 -35.32 1.51
C ALA B 424 -0.58 -34.81 2.92
N ASP B 425 0.30 -33.81 3.00
CA ASP B 425 0.60 -33.19 4.28
C ASP B 425 -0.65 -32.47 4.81
N ASP B 426 -1.13 -32.88 5.99
CA ASP B 426 -2.41 -32.38 6.49
C ASP B 426 -2.22 -31.75 7.87
N ARG B 427 -0.98 -31.32 8.18
CA ARG B 427 -0.73 -30.67 9.47
C ARG B 427 -1.58 -29.42 9.64
N HIS B 428 -2.00 -28.81 8.52
CA HIS B 428 -2.79 -27.58 8.62
C HIS B 428 -4.28 -27.88 8.84
N VAL B 429 -4.67 -29.16 8.76
CA VAL B 429 -6.08 -29.50 8.86
C VAL B 429 -6.45 -29.70 10.32
N ILE B 430 -7.52 -29.00 10.76
CA ILE B 430 -8.10 -29.14 12.08
C ILE B 430 -9.31 -30.07 11.96
N LYS B 431 -9.47 -30.99 12.93
CA LYS B 431 -10.50 -32.02 12.78
C LYS B 431 -11.19 -32.26 14.13
N SER B 432 -12.48 -32.57 14.08
CA SER B 432 -13.23 -32.94 15.28
C SER B 432 -14.49 -33.68 14.87
N ASP B 433 -15.08 -34.47 15.79
CA ASP B 433 -16.32 -35.17 15.48
C ASP B 433 -17.53 -34.25 15.56
N THR B 434 -17.45 -33.15 16.31
CA THR B 434 -18.57 -32.26 16.50
C THR B 434 -18.17 -30.83 16.19
N LEU B 435 -19.15 -29.95 15.94
CA LEU B 435 -18.83 -28.56 15.67
C LEU B 435 -18.24 -27.90 16.92
N ASP B 436 -18.77 -28.29 18.10
CA ASP B 436 -18.31 -27.71 19.35
C ASP B 436 -16.86 -28.13 19.64
N GLY B 437 -16.55 -29.39 19.31
CA GLY B 437 -15.18 -29.87 19.39
C GLY B 437 -14.29 -29.14 18.40
N LEU B 438 -14.83 -28.85 17.21
CA LEU B 438 -14.00 -28.20 16.18
C LEU B 438 -13.58 -26.81 16.66
N SER B 439 -14.51 -26.06 17.26
CA SER B 439 -14.18 -24.72 17.74
C SER B 439 -13.11 -24.77 18.83
N GLN B 440 -13.16 -25.77 19.72
CA GLN B 440 -12.10 -25.95 20.70
C GLN B 440 -10.76 -26.19 20.00
N GLN B 441 -10.77 -26.99 18.92
CA GLN B 441 -9.56 -27.27 18.17
C GLN B 441 -9.05 -26.01 17.44
N ILE B 442 -9.97 -25.25 16.85
CA ILE B 442 -9.61 -24.01 16.18
C ILE B 442 -8.96 -23.04 17.19
N SER B 443 -9.54 -22.92 18.39
CA SER B 443 -8.99 -22.08 19.43
C SER B 443 -7.54 -22.41 19.75
N LEU B 444 -7.22 -23.70 19.89
CA LEU B 444 -5.85 -24.13 20.16
C LEU B 444 -4.91 -23.67 19.04
N ARG B 445 -5.40 -23.72 17.79
CA ARG B 445 -4.58 -23.34 16.65
C ARG B 445 -4.32 -21.83 16.67
N LEU B 446 -5.36 -21.03 16.97
CA LEU B 446 -5.20 -19.58 17.09
C LEU B 446 -4.19 -19.24 18.19
N LYS B 447 -4.26 -19.98 19.30
CA LYS B 447 -3.34 -19.77 20.41
C LYS B 447 -1.90 -20.03 19.96
N LYS B 448 -1.72 -21.09 19.17
CA LYS B 448 -0.39 -21.48 18.74
C LYS B 448 0.25 -20.35 17.93
N TYR B 449 -0.54 -19.62 17.16
CA TYR B 449 -0.01 -18.58 16.27
C TYR B 449 -0.33 -17.17 16.77
N ALA B 450 -0.63 -17.01 18.06
CA ALA B 450 -1.11 -15.76 18.64
C ALA B 450 -0.23 -14.56 18.25
N GLY B 451 1.10 -14.73 18.31
CA GLY B 451 2.04 -13.65 18.03
C GLY B 451 2.08 -13.18 16.57
N GLN B 452 1.35 -13.87 15.68
CA GLN B 452 1.31 -13.55 14.26
C GLN B 452 -0.03 -12.89 13.89
N ILE B 453 -1.04 -13.07 14.74
CA ILE B 453 -2.41 -12.75 14.37
C ILE B 453 -3.09 -11.90 15.45
N GLY B 454 -2.30 -11.05 16.13
CA GLY B 454 -2.88 -10.11 17.08
C GLY B 454 -3.57 -10.80 18.27
N HIS B 455 -3.14 -12.02 18.63
CA HIS B 455 -3.75 -12.75 19.74
C HIS B 455 -5.25 -12.87 19.53
N MET B 456 -5.69 -12.99 18.26
CA MET B 456 -7.09 -13.19 17.90
C MET B 456 -7.70 -14.37 18.67
N GLU B 457 -8.94 -14.24 19.12
CA GLU B 457 -9.69 -15.33 19.74
C GLU B 457 -11.06 -15.48 19.08
N LEU B 458 -11.65 -16.68 19.17
CA LEU B 458 -13.04 -16.88 18.77
C LEU B 458 -13.93 -16.11 19.72
N SER B 459 -15.03 -15.53 19.22
CA SER B 459 -15.98 -14.89 20.11
C SER B 459 -16.64 -15.88 21.08
N SER B 460 -17.12 -15.39 22.21
CA SER B 460 -17.74 -16.29 23.18
C SER B 460 -18.99 -16.95 22.59
N ASP B 461 -19.62 -16.34 21.58
CA ASP B 461 -20.83 -16.92 21.00
C ASP B 461 -20.55 -17.58 19.64
N PHE B 462 -19.29 -17.99 19.42
CA PHE B 462 -18.86 -18.66 18.19
C PHE B 462 -19.75 -19.86 17.84
N ASN B 463 -19.97 -20.77 18.81
CA ASN B 463 -20.68 -22.00 18.50
C ASN B 463 -22.09 -21.71 17.97
N ALA B 464 -22.81 -20.85 18.70
CA ALA B 464 -24.17 -20.49 18.33
C ALA B 464 -24.18 -19.74 16.99
N ASN B 465 -23.25 -18.80 16.79
CA ASN B 465 -23.21 -18.09 15.51
C ASN B 465 -22.96 -19.05 14.35
N LEU B 466 -22.06 -20.03 14.55
CA LEU B 466 -21.72 -20.95 13.48
C LEU B 466 -22.96 -21.78 13.09
N ARG B 467 -23.73 -22.22 14.09
CA ARG B 467 -24.93 -23.01 13.81
C ARG B 467 -25.88 -22.16 12.97
N GLU B 468 -26.03 -20.89 13.32
CA GLU B 468 -26.88 -19.99 12.58
C GLU B 468 -26.36 -19.77 11.14
N SER B 469 -25.04 -19.60 11.02
CA SER B 469 -24.41 -19.43 9.71
C SER B 469 -24.64 -20.65 8.81
N ILE B 470 -24.53 -21.85 9.38
CA ILE B 470 -24.73 -23.06 8.61
C ILE B 470 -26.21 -23.24 8.24
N LEU B 471 -27.13 -22.92 9.15
CA LEU B 471 -28.55 -22.96 8.79
C LEU B 471 -28.83 -22.03 7.61
N ARG B 472 -28.27 -20.82 7.66
CA ARG B 472 -28.47 -19.87 6.58
C ARG B 472 -27.88 -20.40 5.27
N PHE B 473 -26.63 -20.87 5.32
CA PHE B 473 -25.93 -21.34 4.14
C PHE B 473 -26.63 -22.55 3.52
N ASN B 474 -27.13 -23.44 4.38
CA ASN B 474 -27.77 -24.67 3.93
C ASN B 474 -29.04 -24.36 3.13
N GLY B 475 -29.78 -23.33 3.55
CA GLY B 475 -30.86 -22.77 2.76
C GLY B 475 -30.37 -22.32 1.37
N PHE B 476 -29.31 -21.50 1.35
CA PHE B 476 -28.74 -21.01 0.10
C PHE B 476 -28.29 -22.17 -0.79
N ALA B 477 -27.76 -23.23 -0.18
CA ALA B 477 -27.22 -24.33 -0.98
C ALA B 477 -28.38 -25.10 -1.62
N SER B 478 -29.54 -25.14 -0.94
CA SER B 478 -30.69 -25.86 -1.50
C SER B 478 -31.41 -25.07 -2.59
N THR B 479 -31.54 -23.75 -2.42
CA THR B 479 -32.16 -22.96 -3.48
C THR B 479 -31.16 -22.70 -4.61
N GLY B 480 -29.86 -22.84 -4.34
CA GLY B 480 -28.84 -22.44 -5.30
C GLY B 480 -28.61 -20.92 -5.31
N LYS B 481 -29.15 -20.20 -4.33
CA LYS B 481 -28.98 -18.74 -4.35
C LYS B 481 -28.42 -18.24 -3.01
N ASP B 482 -27.17 -17.76 -3.03
CA ASP B 482 -26.49 -17.19 -1.87
C ASP B 482 -26.88 -15.72 -1.75
N GLU B 483 -27.90 -15.46 -0.93
CA GLU B 483 -28.47 -14.13 -0.79
C GLU B 483 -27.48 -13.14 -0.17
N ASP B 484 -26.51 -13.65 0.60
CA ASP B 484 -25.59 -12.81 1.34
C ASP B 484 -24.40 -12.41 0.45
N PHE B 485 -23.74 -13.39 -0.20
CA PHE B 485 -22.48 -13.09 -0.86
C PHE B 485 -22.44 -13.50 -2.33
N HIS B 486 -23.56 -14.04 -2.87
CA HIS B 486 -23.71 -14.26 -4.30
C HIS B 486 -22.70 -15.29 -4.83
N ARG B 487 -22.32 -16.25 -3.99
CA ARG B 487 -21.43 -17.34 -4.37
C ARG B 487 -22.03 -18.09 -5.55
N GLY B 488 -21.23 -18.25 -6.61
CA GLY B 488 -21.64 -18.96 -7.81
C GLY B 488 -22.33 -18.09 -8.87
N GLU B 489 -22.47 -16.79 -8.64
CA GLU B 489 -23.22 -15.95 -9.58
C GLU B 489 -22.33 -15.31 -10.64
N ARG B 490 -21.01 -15.38 -10.50
CA ARG B 490 -20.11 -14.90 -11.53
C ARG B 490 -19.43 -16.11 -12.15
N ALA B 491 -19.09 -16.03 -13.45
CA ALA B 491 -18.53 -17.18 -14.15
C ALA B 491 -17.29 -17.72 -13.44
N SER B 492 -16.41 -16.83 -12.97
CA SER B 492 -15.15 -17.27 -12.40
C SER B 492 -15.37 -18.06 -11.10
N ASP B 493 -16.49 -17.81 -10.38
CA ASP B 493 -16.76 -18.61 -9.19
C ASP B 493 -16.91 -20.09 -9.57
N VAL B 494 -17.56 -20.33 -10.72
CA VAL B 494 -17.89 -21.67 -11.19
C VAL B 494 -16.63 -22.23 -11.82
N LEU B 495 -15.93 -21.39 -12.57
CA LEU B 495 -14.75 -21.77 -13.32
C LEU B 495 -13.68 -22.34 -12.39
N PHE B 496 -13.48 -21.71 -11.22
CA PHE B 496 -12.39 -22.10 -10.34
C PHE B 496 -12.91 -22.82 -9.08
N ASN B 497 -14.10 -23.38 -9.20
CA ASN B 497 -14.81 -23.99 -8.08
C ASN B 497 -14.10 -25.24 -7.57
N GLY B 498 -13.31 -25.92 -8.44
CA GLY B 498 -12.62 -27.15 -8.08
C GLY B 498 -13.53 -28.37 -8.20
N SER B 499 -13.08 -29.53 -7.70
CA SER B 499 -13.82 -30.77 -7.81
C SER B 499 -14.93 -30.80 -6.76
N THR B 500 -16.06 -31.43 -7.12
CA THR B 500 -17.16 -31.64 -6.20
C THR B 500 -17.78 -33.01 -6.49
N LYS B 501 -18.49 -33.59 -5.50
CA LYS B 501 -19.28 -34.79 -5.79
C LYS B 501 -20.46 -34.43 -6.68
N LYS B 502 -20.61 -35.15 -7.80
CA LYS B 502 -21.75 -34.86 -8.66
C LYS B 502 -23.05 -35.19 -7.92
N GLU B 503 -24.00 -34.27 -7.96
CA GLU B 503 -25.28 -34.39 -7.29
C GLU B 503 -26.35 -34.03 -8.31
N PRO B 504 -27.26 -34.96 -8.69
CA PRO B 504 -28.31 -34.67 -9.65
C PRO B 504 -29.18 -33.48 -9.26
N ASP B 505 -29.37 -33.22 -7.96
CA ASP B 505 -30.32 -32.22 -7.51
C ASP B 505 -29.73 -30.80 -7.39
N GLN B 506 -28.46 -30.59 -7.77
CA GLN B 506 -27.73 -29.38 -7.39
C GLN B 506 -28.01 -28.23 -8.35
N LYS B 507 -28.54 -27.12 -7.85
CA LYS B 507 -28.85 -25.98 -8.71
C LYS B 507 -27.62 -25.09 -8.95
N ASN B 508 -26.71 -25.03 -7.98
CA ASN B 508 -25.56 -24.15 -8.07
C ASN B 508 -24.35 -25.00 -7.69
N PRO B 509 -23.39 -25.20 -8.62
CA PRO B 509 -22.29 -26.13 -8.38
C PRO B 509 -21.36 -25.71 -7.24
N THR B 510 -21.44 -24.45 -6.81
CA THR B 510 -20.49 -23.94 -5.82
C THR B 510 -20.96 -24.16 -4.38
N MET B 511 -22.19 -24.66 -4.19
CA MET B 511 -22.71 -24.84 -2.85
C MET B 511 -23.46 -26.17 -2.73
N TRP B 512 -23.30 -26.80 -1.56
CA TRP B 512 -24.09 -27.96 -1.19
C TRP B 512 -24.25 -27.93 0.34
N PRO B 513 -25.38 -28.37 0.93
CA PRO B 513 -25.55 -28.23 2.38
C PRO B 513 -24.44 -28.91 3.16
N ILE B 514 -23.99 -28.26 4.26
CA ILE B 514 -23.03 -28.88 5.15
C ILE B 514 -23.73 -29.94 5.98
N SER B 515 -23.07 -31.09 6.09
CA SER B 515 -23.52 -32.28 6.81
C SER B 515 -24.02 -31.94 8.20
N SER B 516 -25.09 -32.62 8.59
CA SER B 516 -25.67 -32.57 9.92
C SER B 516 -24.89 -33.44 10.92
N VAL B 517 -23.93 -34.22 10.44
CA VAL B 517 -23.08 -35.00 11.34
C VAL B 517 -21.62 -34.81 10.92
N GLY B 518 -20.70 -35.04 11.85
CA GLY B 518 -19.28 -34.97 11.57
C GLY B 518 -18.76 -36.23 10.87
N PRO B 519 -17.44 -36.39 10.75
CA PRO B 519 -16.50 -35.40 11.28
C PRO B 519 -16.49 -34.08 10.52
N TYR B 520 -15.96 -33.02 11.17
CA TYR B 520 -15.81 -31.72 10.53
C TYR B 520 -14.34 -31.37 10.46
N TYR B 521 -14.01 -30.54 9.47
CA TYR B 521 -12.63 -30.20 9.18
C TYR B 521 -12.55 -28.69 9.04
N ALA B 522 -11.36 -28.12 9.31
CA ALA B 522 -11.15 -26.69 9.18
C ALA B 522 -9.67 -26.41 8.87
N ALA B 523 -9.42 -25.24 8.29
CA ALA B 523 -8.05 -24.78 8.07
C ALA B 523 -8.06 -23.26 8.12
N LEU B 524 -7.02 -22.69 8.71
CA LEU B 524 -6.84 -21.24 8.70
C LEU B 524 -6.36 -20.76 7.33
N VAL B 525 -7.00 -19.69 6.86
CA VAL B 525 -6.67 -19.06 5.59
C VAL B 525 -6.19 -17.65 5.86
N GLY B 526 -4.99 -17.33 5.36
CA GLY B 526 -4.44 -16.00 5.51
C GLY B 526 -4.12 -15.41 4.14
N GLY B 527 -3.60 -14.18 4.11
CA GLY B 527 -3.34 -13.50 2.84
C GLY B 527 -1.86 -13.56 2.49
N GLY B 528 -1.58 -13.91 1.23
CA GLY B 528 -0.22 -14.05 0.73
C GLY B 528 -0.10 -13.48 -0.69
N THR B 529 1.04 -13.76 -1.32
CA THR B 529 1.29 -13.35 -2.69
C THR B 529 1.60 -14.57 -3.54
N LEU B 530 1.53 -14.38 -4.86
CA LEU B 530 2.28 -15.23 -5.77
C LEU B 530 3.72 -14.69 -5.80
N ASP B 531 3.88 -13.42 -6.18
CA ASP B 531 5.07 -12.64 -5.87
C ASP B 531 4.68 -11.17 -6.00
N THR B 532 5.63 -10.27 -5.73
CA THR B 532 5.43 -8.84 -5.88
C THR B 532 5.54 -8.48 -7.38
N LYS B 533 5.10 -7.27 -7.74
CA LYS B 533 5.19 -6.85 -9.12
C LYS B 533 5.59 -5.38 -9.23
N GLY B 534 6.36 -4.89 -8.26
CA GLY B 534 6.93 -3.55 -8.36
C GLY B 534 8.46 -3.62 -8.43
N GLY B 535 9.04 -2.60 -9.06
CA GLY B 535 10.49 -2.50 -9.14
C GLY B 535 10.85 -1.35 -10.09
N PRO B 536 12.11 -1.30 -10.54
CA PRO B 536 12.52 -0.25 -11.48
C PRO B 536 11.58 -0.19 -12.68
N LYS B 537 11.24 1.03 -13.08
CA LYS B 537 10.40 1.24 -14.25
C LYS B 537 11.24 0.99 -15.50
N THR B 538 10.68 0.22 -16.45
CA THR B 538 11.24 0.09 -17.78
C THR B 538 10.33 0.75 -18.81
N ASN B 539 10.88 1.06 -19.98
CA ASN B 539 10.06 1.33 -21.16
C ASN B 539 9.55 0.00 -21.71
N THR B 540 8.85 0.06 -22.85
CA THR B 540 8.25 -1.13 -23.41
C THR B 540 9.31 -2.07 -24.01
N HIS B 541 10.58 -1.63 -24.01
CA HIS B 541 11.68 -2.46 -24.48
C HIS B 541 12.52 -3.03 -23.34
N GLY B 542 11.98 -2.93 -22.12
CA GLY B 542 12.66 -3.55 -20.97
C GLY B 542 13.85 -2.75 -20.47
N GLN B 543 14.05 -1.53 -20.99
CA GLN B 543 15.21 -0.73 -20.60
C GLN B 543 14.89 -0.03 -19.30
N ILE B 544 15.75 -0.22 -18.29
CA ILE B 544 15.55 0.40 -16.98
C ILE B 544 15.87 1.88 -17.10
N LEU B 545 14.93 2.73 -16.65
CA LEU B 545 15.00 4.16 -16.87
C LEU B 545 15.60 4.87 -15.64
N ASP B 546 16.26 6.01 -15.90
CA ASP B 546 16.74 6.89 -14.85
C ASP B 546 15.56 7.77 -14.46
N ILE B 547 15.77 8.69 -13.52
CA ILE B 547 14.66 9.48 -13.03
C ILE B 547 14.16 10.49 -14.07
N HIS B 548 14.90 10.69 -15.16
CA HIS B 548 14.42 11.58 -16.22
C HIS B 548 13.78 10.78 -17.35
N ASP B 549 13.42 9.52 -17.08
CA ASP B 549 12.77 8.66 -18.06
C ASP B 549 13.69 8.28 -19.22
N LYS B 550 15.01 8.37 -19.04
CA LYS B 550 15.94 8.00 -20.11
C LYS B 550 16.59 6.67 -19.77
N PRO B 551 16.79 5.76 -20.75
CA PRO B 551 17.43 4.46 -20.48
C PRO B 551 18.80 4.63 -19.81
N ILE B 552 19.06 3.79 -18.80
CA ILE B 552 20.41 3.58 -18.33
C ILE B 552 21.03 2.57 -19.30
N ARG B 553 21.99 3.04 -20.09
CA ARG B 553 22.43 2.28 -21.24
C ARG B 553 23.01 0.94 -20.81
N GLY B 554 22.57 -0.11 -21.48
CA GLY B 554 23.03 -1.45 -21.17
C GLY B 554 22.21 -2.14 -20.08
N LEU B 555 21.24 -1.45 -19.46
CA LEU B 555 20.59 -2.06 -18.30
C LEU B 555 19.12 -2.37 -18.59
N TYR B 556 18.74 -3.66 -18.44
CA TYR B 556 17.42 -4.17 -18.79
C TYR B 556 16.84 -4.94 -17.61
N GLY B 557 15.51 -5.03 -17.57
CA GLY B 557 14.82 -5.86 -16.60
C GLY B 557 13.50 -6.36 -17.19
N VAL B 558 13.12 -7.58 -16.80
CA VAL B 558 11.94 -8.26 -17.32
C VAL B 558 11.30 -9.05 -16.17
N GLY B 559 9.97 -9.16 -16.17
CA GLY B 559 9.33 -10.02 -15.20
C GLY B 559 9.03 -9.31 -13.89
N ASN B 560 8.89 -10.08 -12.80
CA ASN B 560 8.46 -9.53 -11.54
C ASN B 560 9.50 -8.59 -10.91
N CYS B 561 10.76 -8.59 -11.40
CA CYS B 561 11.75 -7.70 -10.81
C CYS B 561 11.57 -6.24 -11.23
N VAL B 562 10.78 -5.98 -12.28
CA VAL B 562 10.53 -4.60 -12.69
C VAL B 562 9.04 -4.28 -12.51
N ALA B 563 8.68 -3.01 -12.71
CA ALA B 563 7.28 -2.60 -12.54
C ALA B 563 6.37 -3.25 -13.60
N SER B 564 5.29 -3.90 -13.14
CA SER B 564 4.20 -4.35 -14.00
C SER B 564 3.31 -3.16 -14.36
N ALA B 565 2.72 -3.17 -15.56
CA ALA B 565 1.74 -2.15 -15.91
C ALA B 565 0.34 -2.49 -15.40
N SER B 566 0.19 -3.62 -14.71
CA SER B 566 -1.12 -4.10 -14.31
C SER B 566 -1.61 -3.57 -12.95
N SER B 567 -0.85 -2.64 -12.34
CA SER B 567 -1.27 -2.03 -11.08
C SER B 567 -1.56 -3.13 -10.05
N GLY B 568 -2.74 -3.10 -9.42
CA GLY B 568 -3.15 -4.14 -8.47
C GLY B 568 -4.06 -5.22 -9.11
N ALA B 569 -4.09 -5.32 -10.45
CA ALA B 569 -5.10 -6.13 -11.12
C ALA B 569 -4.50 -7.47 -11.55
N TYR B 570 -5.37 -8.48 -11.66
CA TYR B 570 -5.00 -9.79 -12.18
C TYR B 570 -6.03 -10.18 -13.26
N TRP B 571 -5.65 -10.01 -14.53
CA TRP B 571 -6.63 -10.01 -15.62
C TRP B 571 -7.25 -11.38 -15.90
N ALA B 572 -6.42 -12.43 -15.80
CA ALA B 572 -6.81 -13.76 -16.27
C ALA B 572 -5.71 -14.73 -15.83
N GLY B 573 -6.00 -16.03 -15.89
CA GLY B 573 -4.96 -17.03 -15.74
C GLY B 573 -3.85 -16.79 -16.75
N GLY B 574 -2.58 -16.76 -16.30
CA GLY B 574 -1.48 -16.56 -17.22
C GLY B 574 -1.15 -15.09 -17.47
N ALA B 575 -1.79 -14.18 -16.72
CA ALA B 575 -1.58 -12.74 -16.88
C ALA B 575 -0.23 -12.27 -16.34
N THR B 576 0.53 -13.14 -15.64
CA THR B 576 1.88 -12.76 -15.27
C THR B 576 2.86 -13.20 -16.35
N LEU B 577 2.77 -14.47 -16.80
CA LEU B 577 3.74 -15.08 -17.70
C LEU B 577 3.58 -14.62 -19.15
N GLY B 578 2.33 -14.44 -19.60
CA GLY B 578 2.08 -13.98 -20.96
C GLY B 578 2.77 -12.65 -21.25
N PRO B 579 2.45 -11.58 -20.48
CA PRO B 579 3.15 -10.29 -20.62
C PRO B 579 4.66 -10.44 -20.47
N MET B 580 5.07 -11.35 -19.59
CA MET B 580 6.48 -11.49 -19.27
C MET B 580 7.27 -11.96 -20.50
N ILE B 581 6.69 -12.89 -21.26
CA ILE B 581 7.35 -13.41 -22.45
CA ILE B 581 7.41 -13.39 -22.43
C ILE B 581 7.40 -12.32 -23.53
N ALA B 582 6.35 -11.51 -23.61
CA ALA B 582 6.32 -10.39 -24.54
C ALA B 582 7.51 -9.47 -24.26
N PHE B 583 7.72 -9.10 -22.99
CA PHE B 583 8.81 -8.19 -22.65
C PHE B 583 10.19 -8.85 -22.75
N ALA B 584 10.30 -10.16 -22.47
CA ALA B 584 11.58 -10.83 -22.72
C ALA B 584 11.98 -10.67 -24.19
N TYR B 585 11.01 -10.81 -25.07
CA TYR B 585 11.21 -10.76 -26.50
C TYR B 585 11.62 -9.35 -26.91
N ARG B 586 10.89 -8.33 -26.41
CA ARG B 586 11.17 -6.94 -26.73
C ARG B 586 12.52 -6.54 -26.14
N ALA B 587 12.81 -6.99 -24.91
CA ALA B 587 14.07 -6.68 -24.24
C ALA B 587 15.25 -7.27 -25.01
N ALA B 588 15.14 -8.54 -25.40
CA ALA B 588 16.23 -9.22 -26.10
C ALA B 588 16.47 -8.55 -27.46
N ASN B 589 15.39 -8.21 -28.16
CA ASN B 589 15.50 -7.56 -29.46
C ASN B 589 16.22 -6.22 -29.30
N ALA B 590 15.89 -5.47 -28.25
CA ALA B 590 16.55 -4.19 -28.03
C ALA B 590 18.00 -4.41 -27.58
N ALA B 591 18.24 -5.35 -26.65
CA ALA B 591 19.59 -5.57 -26.14
C ALA B 591 20.53 -5.96 -27.29
N HIS B 592 20.02 -6.76 -28.22
CA HIS B 592 20.78 -7.17 -29.41
C HIS B 592 21.28 -5.96 -30.20
N GLY B 593 20.49 -4.89 -30.23
CA GLY B 593 20.82 -3.65 -30.94
C GLY B 593 21.86 -2.79 -30.22
N GLU B 594 22.18 -3.10 -28.95
CA GLU B 594 23.16 -2.30 -28.20
C GLU B 594 24.54 -2.38 -28.87
N PRO B 595 25.34 -1.29 -28.88
CA PRO B 595 26.73 -1.39 -29.34
C PRO B 595 27.54 -2.19 -28.31
N LYS B 596 28.62 -2.84 -28.73
CA LYS B 596 29.54 -3.43 -27.75
C LYS B 596 30.28 -2.31 -27.03
N ARG B 597 30.33 -2.34 -25.70
CA ARG B 597 30.99 -1.24 -25.01
C ARG B 597 32.06 -1.77 -24.06
N THR B 598 32.84 -0.83 -23.52
CA THR B 598 33.95 -0.97 -22.58
C THR B 598 34.74 -2.24 -22.87
PA FAD C . 6.09 20.90 6.18
O1A FAD C . 5.19 20.48 5.05
O2A FAD C . 5.51 21.67 7.30
O5B FAD C . 7.31 21.72 5.58
C5B FAD C . 8.16 21.19 4.51
C4B FAD C . 8.69 22.39 3.76
O4B FAD C . 9.73 21.97 2.84
C3B FAD C . 7.65 23.17 2.93
O3B FAD C . 7.65 24.53 3.33
C2B FAD C . 8.10 22.90 1.49
O2B FAD C . 7.84 23.94 0.57
C1B FAD C . 9.60 22.73 1.67
N9A FAD C . 10.27 22.01 0.57
C8A FAD C . 9.82 20.94 -0.15
N7A FAD C . 10.70 20.56 -1.08
C5A FAD C . 11.75 21.46 -0.97
C6A FAD C . 12.97 21.62 -1.66
N6A FAD C . 13.35 20.86 -2.69
N1A FAD C . 13.80 22.62 -1.27
C2A FAD C . 13.41 23.41 -0.27
N3A FAD C . 12.29 23.37 0.46
C4A FAD C . 11.50 22.35 0.05
N1 FAD C . -0.06 17.17 12.76
C2 FAD C . 0.00 17.22 14.11
O2 FAD C . 0.79 16.51 14.74
N3 FAD C . -0.80 18.09 14.82
C4 FAD C . -1.80 18.83 14.20
O4 FAD C . -2.48 19.59 14.88
C4X FAD C . -1.91 18.76 12.77
N5 FAD C . -2.82 19.48 12.15
C5X FAD C . -2.83 19.44 10.77
C6 FAD C . -3.76 20.24 10.08
C7 FAD C . -3.73 20.31 8.70
C7M FAD C . -4.72 21.18 7.96
C8 FAD C . -2.80 19.51 7.98
C8M FAD C . -2.76 19.50 6.47
C9 FAD C . -1.94 18.70 8.66
C9A FAD C . -1.91 18.68 10.05
N10 FAD C . -1.02 17.86 10.75
C10 FAD C . -0.96 17.91 12.13
C1' FAD C . 0.06 17.18 10.02
C2' FAD C . 1.28 18.13 10.11
O2' FAD C . 0.95 19.44 9.62
C3' FAD C . 2.55 17.70 9.37
O3' FAD C . 2.77 16.35 9.66
C4' FAD C . 3.80 18.54 9.72
O4' FAD C . 3.51 19.94 9.69
C5' FAD C . 4.88 18.31 8.70
O5' FAD C . 5.97 19.19 8.98
P FAD C . 7.31 19.03 8.12
O1P FAD C . 7.74 17.61 7.96
O2P FAD C . 8.29 20.03 8.66
O3P FAD C . 6.80 19.56 6.69
C1 GOL D . 9.81 11.78 12.57
O1 GOL D . 9.25 13.08 12.34
C2 GOL D . 11.03 11.53 11.71
O2 GOL D . 12.00 12.58 11.85
C3 GOL D . 11.71 10.20 12.01
O3 GOL D . 10.76 9.17 12.23
C1 GOL E . 0.49 -1.81 8.56
O1 GOL E . -0.34 -0.73 8.96
C2 GOL E . 0.27 -2.94 9.53
O2 GOL E . 0.26 -4.17 8.84
C3 GOL E . 1.17 -2.92 10.75
O3 GOL E . 1.25 -4.19 11.39
C1 GOL F . -24.80 26.25 2.40
O1 GOL F . -23.40 26.46 2.54
C2 GOL F . -25.44 27.27 1.47
O2 GOL F . -24.45 27.90 0.67
C3 GOL F . -26.50 26.68 0.58
O3 GOL F . -25.96 26.39 -0.71
C1 GOL G . -11.11 -4.78 2.59
O1 GOL G . -12.21 -4.59 3.47
C2 GOL G . -11.59 -4.65 1.16
O2 GOL G . -10.64 -3.95 0.34
C3 GOL G . -12.22 -5.90 0.57
O3 GOL G . -11.79 -6.20 -0.75
C1 GOL H . 27.76 32.58 3.76
O1 GOL H . 28.76 32.22 2.82
C2 GOL H . 27.78 34.07 4.03
O2 GOL H . 26.81 34.70 3.20
C3 GOL H . 27.56 34.40 5.48
O3 GOL H . 27.14 35.76 5.63
C1 PEG I . 9.49 -0.05 9.63
O1 PEG I . 8.31 0.31 8.92
C2 PEG I . 9.86 -1.48 9.45
O2 PEG I . 10.91 -1.77 10.36
C3 PEG I . 12.13 -2.11 9.72
C4 PEG I . 13.04 -2.66 10.75
O4 PEG I . 14.36 -2.82 10.29
C1 A2Q J . -3.88 16.41 14.66
C2 A2Q J . -4.68 16.96 15.68
C3 A2Q J . -5.69 17.86 15.37
C4 A2Q J . -5.90 18.23 14.06
C5 A2Q J . -5.13 17.69 13.04
C6 A2Q J . -4.12 16.78 13.34
O1 A2Q J . -2.89 15.50 14.97
S SO4 K . 29.45 31.50 8.13
O1 SO4 K . 28.26 31.45 7.32
O2 SO4 K . 29.58 30.31 8.95
O3 SO4 K . 29.38 32.66 8.99
O4 SO4 K . 30.61 31.59 7.27
PA FAD L . 11.07 -16.26 -10.99
O1A FAD L . 10.73 -16.17 -9.53
O2A FAD L . 10.49 -17.38 -11.80
O5B FAD L . 12.66 -16.26 -11.21
C5B FAD L . 13.53 -15.30 -10.56
C4B FAD L . 14.83 -16.02 -10.34
O4B FAD L . 15.88 -15.06 -10.08
C3B FAD L . 14.84 -17.01 -9.16
O3B FAD L . 15.32 -18.27 -9.63
C2B FAD L . 15.79 -16.36 -8.15
O2B FAD L . 16.56 -17.29 -7.43
C1B FAD L . 16.72 -15.58 -9.07
N9A FAD L . 17.40 -14.48 -8.40
C8A FAD L . 16.89 -13.65 -7.43
N7A FAD L . 17.80 -12.79 -7.01
C5A FAD L . 18.94 -13.09 -7.74
C6A FAD L . 20.23 -12.53 -7.76
N6A FAD L . 20.63 -11.55 -6.96
N1A FAD L . 21.13 -13.05 -8.62
C2A FAD L . 20.77 -14.07 -9.40
N3A FAD L . 19.58 -14.66 -9.48
C4A FAD L . 18.70 -14.12 -8.61
N1 FAD L . 1.56 -16.89 -13.23
C2 FAD L . 0.98 -17.08 -14.41
O2 FAD L . 0.94 -16.14 -15.27
N3 FAD L . 0.46 -18.31 -14.73
C4 FAD L . 0.38 -19.35 -13.79
O4 FAD L . -0.01 -20.46 -14.14
C4X FAD L . 0.97 -19.16 -12.54
N5 FAD L . 0.92 -20.14 -11.64
C5X FAD L . 1.54 -19.89 -10.44
C6 FAD L . 1.56 -20.91 -9.45
C7 FAD L . 2.24 -20.74 -8.27
C7M FAD L . 2.26 -21.85 -7.25
C8 FAD L . 2.91 -19.52 -8.01
C8M FAD L . 3.66 -19.33 -6.72
C9 FAD L . 2.87 -18.51 -8.95
C9A FAD L . 2.21 -18.68 -10.17
N10 FAD L . 2.15 -17.66 -11.13
C10 FAD L . 1.56 -17.87 -12.34
C1' FAD L . 2.94 -16.43 -10.94
C2' FAD L . 4.28 -16.69 -11.68
O2' FAD L . 4.85 -17.96 -11.29
C3' FAD L . 5.39 -15.62 -11.56
O3' FAD L . 4.79 -14.36 -11.82
C4' FAD L . 6.53 -15.81 -12.57
O4' FAD L . 6.96 -17.18 -12.63
C5' FAD L . 7.70 -14.95 -12.21
O5' FAD L . 8.73 -15.20 -13.21
P FAD L . 10.11 -14.43 -13.11
O1P FAD L . 9.88 -12.95 -13.02
O2P FAD L . 11.08 -14.98 -14.10
O3P FAD L . 10.60 -14.88 -11.64
C1 GOL M . 7.18 -5.20 -17.32
O1 GOL M . 5.88 -4.92 -16.81
C2 GOL M . 7.33 -6.68 -17.62
O2 GOL M . 8.69 -7.10 -17.74
C3 GOL M . 6.46 -7.57 -16.77
O3 GOL M . 6.68 -8.95 -17.04
C1 GOL N . -4.95 0.43 -7.69
O1 GOL N . -5.41 -0.91 -7.63
C2 GOL N . -6.02 1.27 -8.32
O2 GOL N . -6.20 2.47 -7.61
C3 GOL N . -5.85 1.50 -9.81
O3 GOL N . -6.62 2.60 -10.27
C1 GOL O . -11.71 7.56 -27.89
O1 GOL O . -12.45 7.95 -29.05
C2 GOL O . -10.68 6.53 -28.27
O2 GOL O . -9.50 7.19 -28.74
C3 GOL O . -10.44 5.47 -27.22
O3 GOL O . -9.11 5.49 -26.73
C1 PEG P . 10.46 10.12 -8.67
O1 PEG P . 10.26 11.12 -9.62
C2 PEG P . 11.41 9.05 -9.08
O2 PEG P . 11.13 7.87 -8.30
C3 PEG P . 12.16 7.54 -7.37
C4 PEG P . 11.68 6.35 -6.59
O4 PEG P . 12.44 5.22 -6.88
C1 A2Q Q . -2.41 -18.19 -12.76
C2 A2Q Q . -3.10 -19.26 -13.32
C3 A2Q Q . -3.35 -20.41 -12.57
C4 A2Q Q . -2.95 -20.50 -11.26
C5 A2Q Q . -2.27 -19.43 -10.69
C6 A2Q Q . -2.00 -18.28 -11.43
O1 A2Q Q . -2.15 -17.04 -13.47
S SO4 R . -19.88 -41.56 -1.13
O1 SO4 R . -21.26 -41.35 -1.51
O2 SO4 R . -19.06 -41.65 -2.32
O3 SO4 R . -19.77 -42.80 -0.39
O4 SO4 R . -19.43 -40.47 -0.30
S SO4 S . -22.86 -23.97 22.65
O1 SO4 S . -23.57 -22.81 22.12
O2 SO4 S . -22.73 -25.01 21.63
O3 SO4 S . -21.54 -23.59 23.12
O4 SO4 S . -23.61 -24.53 23.76
#